data_4O93
#
_entry.id   4O93
#
_cell.length_a   125.408
_cell.length_b   86.920
_cell.length_c   98.978
_cell.angle_alpha   90.00
_cell.angle_beta   94.55
_cell.angle_gamma   90.00
#
_symmetry.space_group_name_H-M   'C 1 2 1'
#
loop_
_entity.id
_entity.type
_entity.pdbx_description
1 polymer 'NAD(P) transhydrogenase subunit alpha 2'
2 polymer 'NAD(P) transhydrogenase subunit beta'
3 non-polymer 'MERCURY (II) ION'
4 water water
#
loop_
_entity_poly.entity_id
_entity_poly.type
_entity_poly.pdbx_seq_one_letter_code
_entity_poly.pdbx_strand_id
1 'polypeptide(L)'
;MEFGFWSALYIFVLTCFLGYELITRVPVILHTPLMSGSNFIHGVVVVGAMVVLGHAETGLEKLIGFLGVILGAANAAGGY
AVTVRMLEMFERKP
;
A,C
2 'polypeptide(L)'
;MDLIQAAYFVVAILFIVGLKRMAHPTTAKSGIVWAGWGMVLAVLATFFWPGMGNFALILLALLLGSVVAWWAAVRVAMTD
MPQMVAIYNGMGGGAAATIAAVELLKGAFENTGLMALAILGGLIGSVAFTGSLIAFAKLQGIMKSRPILFPGQKAVNALV
LALTVVIGLSLLWNDATASIVLFFLLALLFGVLMTLPIGGGDMPVAISFYNAFTGMAVGFEGFAVGNPALMVAGTLVGAA
GTLLTVLMARAMNRSVWISVLVGGHHHHHH
;
B,D
#
loop_
_chem_comp.id
_chem_comp.type
_chem_comp.name
_chem_comp.formula
HG non-polymer 'MERCURY (II) ION' 'Hg 2'
#
# COMPACT_ATOMS: atom_id res chain seq x y z
N MET A 1 -11.84 -3.78 3.62
CA MET A 1 -12.83 -4.86 3.97
C MET A 1 -14.29 -4.60 3.47
N GLU A 2 -14.52 -3.49 2.74
CA GLU A 2 -15.74 -3.32 1.89
C GLU A 2 -15.65 -2.29 0.74
N PHE A 3 -16.03 -2.78 -0.45
CA PHE A 3 -16.30 -2.05 -1.73
C PHE A 3 -15.23 -2.36 -2.74
N GLY A 4 -15.01 -3.64 -3.03
CA GLY A 4 -15.68 -4.78 -2.38
C GLY A 4 -14.67 -5.65 -1.65
N PHE A 5 -15.17 -6.61 -0.87
CA PHE A 5 -14.35 -7.32 0.11
C PHE A 5 -12.90 -7.55 -0.28
N TRP A 6 -12.65 -8.18 -1.41
CA TRP A 6 -11.25 -8.50 -1.72
C TRP A 6 -10.42 -7.25 -1.94
N SER A 7 -10.94 -6.34 -2.74
CA SER A 7 -10.23 -5.10 -3.10
C SER A 7 -9.88 -4.40 -1.82
N ALA A 8 -10.88 -4.20 -0.98
CA ALA A 8 -10.71 -3.53 0.28
C ALA A 8 -9.66 -4.22 1.16
N LEU A 9 -9.66 -5.54 1.14
CA LEU A 9 -8.71 -6.24 1.96
C LEU A 9 -7.31 -5.95 1.47
N TYR A 10 -7.08 -5.96 0.15
CA TYR A 10 -5.75 -5.58 -0.36
C TYR A 10 -5.44 -4.18 0.19
N ILE A 11 -6.43 -3.28 0.14
CA ILE A 11 -6.21 -1.88 0.54
C ILE A 11 -5.78 -1.83 2.01
N PHE A 12 -6.43 -2.62 2.86
CA PHE A 12 -5.98 -2.64 4.24
C PHE A 12 -4.52 -2.95 4.36
N VAL A 13 -4.11 -4.03 3.70
CA VAL A 13 -2.82 -4.64 3.99
C VAL A 13 -1.70 -3.85 3.35
N LEU A 14 -1.95 -3.44 2.11
CA LEU A 14 -1.05 -2.56 1.40
C LEU A 14 -0.75 -1.28 2.17
N THR A 15 -1.77 -0.76 2.83
CA THR A 15 -1.58 0.42 3.64
C THR A 15 -0.88 0.14 4.95
N CYS A 16 -1.25 -0.99 5.57
CA CYS A 16 -0.57 -1.50 6.76
C CYS A 16 0.96 -1.63 6.52
N PHE A 17 1.36 -2.29 5.44
CA PHE A 17 2.78 -2.36 5.13
C PHE A 17 3.40 -1.01 4.89
N LEU A 18 2.73 -0.19 4.08
CA LEU A 18 3.22 1.15 3.79
C LEU A 18 3.31 2.04 5.06
N GLY A 19 2.27 1.99 5.90
CA GLY A 19 2.27 2.76 7.16
C GLY A 19 3.54 2.49 7.93
N TYR A 20 3.67 1.23 8.31
CA TYR A 20 4.92 0.67 8.76
C TYR A 20 6.20 1.12 8.05
N GLU A 21 6.28 0.88 6.75
CA GLU A 21 7.53 1.06 6.07
C GLU A 21 8.03 2.48 6.14
N LEU A 22 7.13 3.46 6.07
CA LEU A 22 7.53 4.88 6.05
C LEU A 22 8.21 5.33 7.35
N ILE A 23 7.92 4.61 8.43
CA ILE A 23 8.23 5.05 9.77
C ILE A 23 9.49 4.38 10.23
N THR A 24 9.83 3.24 9.65
CA THR A 24 11.11 2.61 9.97
C THR A 24 12.11 3.68 9.57
N ARG A 25 13.28 3.64 10.17
CA ARG A 25 14.33 4.66 9.92
C ARG A 25 14.11 6.11 10.40
N VAL A 26 13.00 6.39 11.07
CA VAL A 26 12.81 7.67 11.70
C VAL A 26 13.91 7.86 12.79
N PRO A 27 14.66 8.98 12.80
CA PRO A 27 15.54 9.20 13.99
C PRO A 27 14.78 9.44 15.28
N VAL A 28 15.45 9.24 16.40
CA VAL A 28 14.82 9.37 17.69
C VAL A 28 14.30 10.78 17.95
N ILE A 29 15.17 11.77 17.76
CA ILE A 29 14.78 13.17 17.84
C ILE A 29 13.44 13.50 17.10
N LEU A 30 13.07 12.74 16.07
CA LEU A 30 11.77 12.95 15.40
C LEU A 30 10.58 12.14 15.92
N HIS A 31 10.78 11.33 16.98
CA HIS A 31 9.66 10.51 17.51
C HIS A 31 8.38 11.30 17.75
N THR A 32 8.46 12.25 18.68
CA THR A 32 7.24 12.89 19.12
C THR A 32 6.59 13.78 18.04
N PRO A 33 7.38 14.48 17.19
CA PRO A 33 6.69 15.20 16.10
C PRO A 33 5.93 14.26 15.18
N LEU A 34 6.56 13.13 14.86
CA LEU A 34 5.96 12.16 13.99
C LEU A 34 4.66 11.75 14.66
N MET A 35 4.78 11.52 15.95
CA MET A 35 3.63 11.11 16.73
C MET A 35 2.56 12.21 16.58
N SER A 36 2.95 13.47 16.68
CA SER A 36 2.00 14.60 16.63
C SER A 36 1.30 14.70 15.28
N GLY A 37 2.08 14.59 14.20
CA GLY A 37 1.57 14.69 12.83
C GLY A 37 0.74 13.50 12.36
N SER A 38 1.09 12.31 12.83
CA SER A 38 0.23 11.18 12.54
C SER A 38 -1.06 11.35 13.34
N ASN A 39 -0.95 11.92 14.54
CA ASN A 39 -2.13 12.24 15.34
C ASN A 39 -2.98 13.18 14.56
N PHE A 40 -2.36 14.24 14.01
CA PHE A 40 -3.09 15.15 13.11
C PHE A 40 -3.78 14.41 11.97
N ILE A 41 -3.01 13.63 11.23
CA ILE A 41 -3.56 12.92 10.09
C ILE A 41 -4.83 12.14 10.45
N HIS A 42 -4.85 11.43 11.55
CA HIS A 42 -6.06 10.62 11.74
C HIS A 42 -7.28 11.51 12.04
N GLY A 43 -7.04 12.81 12.23
CA GLY A 43 -8.11 13.81 12.31
C GLY A 43 -9.12 13.77 11.19
N VAL A 44 -8.81 13.08 10.09
CA VAL A 44 -9.81 12.96 9.01
C VAL A 44 -11.13 12.36 9.49
N VAL A 45 -11.12 11.68 10.63
CA VAL A 45 -12.39 11.27 11.25
C VAL A 45 -13.52 12.30 11.04
N VAL A 46 -13.24 13.60 11.19
CA VAL A 46 -14.28 14.62 10.96
C VAL A 46 -15.13 14.32 9.74
N VAL A 47 -14.48 14.21 8.61
CA VAL A 47 -15.14 13.84 7.35
C VAL A 47 -16.21 12.72 7.50
N GLY A 48 -15.94 11.71 8.32
CA GLY A 48 -16.96 10.70 8.61
C GLY A 48 -17.99 11.12 9.65
N ALA A 49 -17.55 11.85 10.68
CA ALA A 49 -18.50 12.48 11.57
C ALA A 49 -19.39 13.44 10.77
N MET A 50 -18.81 14.13 9.79
CA MET A 50 -19.55 15.10 8.96
C MET A 50 -20.72 14.42 8.29
N VAL A 51 -20.39 13.32 7.61
CA VAL A 51 -21.33 12.56 6.82
C VAL A 51 -22.42 12.00 7.73
N VAL A 52 -22.00 11.53 8.88
CA VAL A 52 -22.95 11.11 9.87
C VAL A 52 -23.88 12.24 10.34
N LEU A 53 -23.33 13.43 10.59
CA LEU A 53 -24.15 14.50 11.09
C LEU A 53 -25.13 14.90 10.00
N GLY A 54 -24.67 14.84 8.76
CA GLY A 54 -25.45 15.36 7.65
C GLY A 54 -26.45 14.37 7.08
N HIS A 55 -26.65 13.28 7.79
CA HIS A 55 -27.55 12.23 7.34
C HIS A 55 -28.35 11.77 8.53
N ALA A 56 -28.19 12.47 9.63
CA ALA A 56 -28.89 12.15 10.88
C ALA A 56 -30.39 12.53 10.85
N GLU A 57 -31.23 11.59 11.25
CA GLU A 57 -32.65 11.87 11.31
C GLU A 57 -33.06 12.11 12.76
N THR A 58 -33.11 11.06 13.59
CA THR A 58 -33.89 11.11 14.84
C THR A 58 -33.57 12.24 15.83
N GLY A 59 -32.41 12.86 15.74
CA GLY A 59 -32.10 13.89 16.72
C GLY A 59 -31.25 13.50 17.94
N LEU A 60 -31.33 12.24 18.40
CA LEU A 60 -30.32 11.74 19.33
C LEU A 60 -29.09 11.61 18.46
N GLU A 61 -29.39 11.25 17.21
CA GLU A 61 -28.44 11.25 16.13
C GLU A 61 -27.84 12.67 15.95
N LYS A 62 -28.67 13.72 15.96
CA LYS A 62 -28.16 15.12 15.88
C LYS A 62 -27.02 15.34 16.86
N LEU A 63 -27.27 15.04 18.12
CA LEU A 63 -26.40 15.52 19.22
C LEU A 63 -25.06 14.85 19.09
N ILE A 64 -25.10 13.53 19.03
CA ILE A 64 -23.91 12.71 19.01
C ILE A 64 -23.08 12.94 17.72
N GLY A 65 -23.72 12.95 16.55
CA GLY A 65 -23.11 13.54 15.34
C GLY A 65 -22.43 14.89 15.56
N PHE A 66 -23.13 15.79 16.23
CA PHE A 66 -22.59 17.12 16.53
C PHE A 66 -21.31 16.98 17.33
N LEU A 67 -21.38 16.18 18.40
CA LEU A 67 -20.21 15.88 19.17
C LEU A 67 -19.11 15.34 18.26
N GLY A 68 -19.46 14.30 17.50
CA GLY A 68 -18.51 13.64 16.64
C GLY A 68 -17.71 14.66 15.90
N VAL A 69 -18.42 15.61 15.27
CA VAL A 69 -17.80 16.63 14.45
C VAL A 69 -16.98 17.60 15.30
N ILE A 70 -17.48 18.02 16.46
CA ILE A 70 -16.64 18.84 17.36
C ILE A 70 -15.34 18.06 17.68
N LEU A 71 -15.49 16.82 18.13
CA LEU A 71 -14.33 15.97 18.44
C LEU A 71 -13.41 15.89 17.22
N GLY A 72 -13.94 15.43 16.09
CA GLY A 72 -13.17 15.44 14.85
C GLY A 72 -12.32 16.69 14.66
N ALA A 73 -12.97 17.84 14.64
CA ALA A 73 -12.30 19.06 14.27
C ALA A 73 -11.24 19.47 15.27
N ALA A 74 -11.46 19.19 16.55
CA ALA A 74 -10.44 19.42 17.57
C ALA A 74 -9.19 18.63 17.20
N ASN A 75 -9.40 17.33 16.94
CA ASN A 75 -8.32 16.43 16.54
C ASN A 75 -7.43 17.07 15.47
N ALA A 76 -8.00 17.37 14.29
CA ALA A 76 -7.29 18.13 13.26
C ALA A 76 -6.66 19.49 13.68
N ALA A 77 -7.51 20.47 14.04
CA ALA A 77 -7.02 21.79 14.50
C ALA A 77 -5.87 21.70 15.50
N GLY A 78 -6.12 20.98 16.59
CA GLY A 78 -5.15 20.80 17.63
C GLY A 78 -3.89 20.13 17.11
N GLY A 79 -4.07 18.95 16.49
CA GLY A 79 -2.96 18.18 15.92
C GLY A 79 -2.01 19.07 15.11
N TYR A 80 -2.60 19.77 14.12
CA TYR A 80 -1.85 20.68 13.27
C TYR A 80 -1.08 21.69 14.10
N ALA A 81 -1.83 22.40 14.94
CA ALA A 81 -1.23 23.40 15.79
C ALA A 81 -0.05 22.83 16.58
N VAL A 82 -0.24 21.65 17.14
CA VAL A 82 0.76 21.13 18.05
C VAL A 82 1.99 20.77 17.24
N THR A 83 1.75 20.05 16.14
CA THR A 83 2.88 19.65 15.33
C THR A 83 3.70 20.84 14.89
N VAL A 84 3.04 21.94 14.49
CA VAL A 84 3.79 23.11 14.02
C VAL A 84 4.68 23.62 15.15
N ARG A 85 4.09 23.74 16.34
CA ARG A 85 4.84 24.20 17.50
C ARG A 85 6.04 23.32 17.83
N MET A 86 5.85 22.00 17.76
CA MET A 86 6.96 21.06 17.94
C MET A 86 8.05 21.32 16.92
N LEU A 87 7.68 21.44 15.65
CA LEU A 87 8.67 21.58 14.61
C LEU A 87 9.54 22.83 14.75
N GLU A 88 9.02 23.84 15.42
CA GLU A 88 9.77 25.08 15.55
C GLU A 88 10.94 24.98 16.50
N MET A 89 10.95 23.96 17.37
CA MET A 89 12.06 23.76 18.29
C MET A 89 13.35 23.45 17.52
N PHE A 90 13.20 23.12 16.24
CA PHE A 90 14.34 22.74 15.41
C PHE A 90 14.99 23.93 14.72
N GLU A 91 14.34 25.09 14.77
CA GLU A 91 14.79 26.24 14.02
C GLU A 91 15.68 27.09 14.87
N ARG A 92 16.80 27.58 14.31
CA ARG A 92 17.61 28.62 14.96
C ARG A 92 16.79 29.92 15.14
N LYS A 93 17.09 30.71 16.16
CA LYS A 93 16.50 32.05 16.34
C LYS A 93 17.32 33.11 15.58
N PRO A 94 16.68 33.84 14.64
CA PRO A 94 17.42 34.61 13.63
C PRO A 94 18.00 35.92 14.16
N MET B 1 -20.46 10.05 -7.98
CA MET B 1 -19.54 10.76 -7.05
C MET B 1 -18.09 10.32 -7.25
N ASP B 2 -17.70 10.27 -8.52
CA ASP B 2 -16.30 10.16 -8.91
C ASP B 2 -15.48 11.39 -8.51
N LEU B 3 -16.16 12.54 -8.38
CA LEU B 3 -15.56 13.78 -7.89
C LEU B 3 -15.08 13.70 -6.45
N ILE B 4 -15.97 13.34 -5.53
CA ILE B 4 -15.58 13.09 -4.15
C ILE B 4 -14.44 12.01 -4.07
N GLN B 5 -14.60 10.97 -4.90
CA GLN B 5 -13.61 9.93 -5.09
C GLN B 5 -12.26 10.49 -5.55
N ALA B 6 -12.25 11.26 -6.64
CA ALA B 6 -11.03 11.97 -7.07
C ALA B 6 -10.35 12.73 -5.93
N ALA B 7 -11.17 13.46 -5.16
CA ALA B 7 -10.66 14.31 -4.10
C ALA B 7 -10.05 13.49 -2.97
N TYR B 8 -10.75 12.41 -2.60
CA TYR B 8 -10.26 11.50 -1.54
C TYR B 8 -8.99 10.70 -1.89
N PHE B 9 -8.86 10.37 -3.17
CA PHE B 9 -7.67 9.76 -3.68
C PHE B 9 -6.53 10.77 -3.55
N VAL B 10 -6.74 12.03 -3.90
CA VAL B 10 -5.63 13.01 -3.85
C VAL B 10 -5.24 13.24 -2.39
N VAL B 11 -6.29 13.34 -1.58
CA VAL B 11 -6.16 13.39 -0.13
C VAL B 11 -5.27 12.23 0.37
N ALA B 12 -5.49 11.03 -0.19
CA ALA B 12 -4.72 9.89 0.26
C ALA B 12 -3.23 10.12 -0.04
N ILE B 13 -2.92 10.47 -1.31
CA ILE B 13 -1.55 10.85 -1.70
C ILE B 13 -0.98 11.95 -0.80
N LEU B 14 -1.75 13.00 -0.55
CA LEU B 14 -1.28 14.08 0.31
C LEU B 14 -0.91 13.58 1.70
N PHE B 15 -1.71 12.70 2.26
CA PHE B 15 -1.33 12.15 3.54
C PHE B 15 -0.04 11.34 3.49
N ILE B 16 0.04 10.41 2.53
CA ILE B 16 1.21 9.54 2.40
C ILE B 16 2.51 10.34 2.28
N VAL B 17 2.57 11.20 1.28
CA VAL B 17 3.74 12.06 1.09
C VAL B 17 4.02 12.85 2.36
N GLY B 18 2.95 13.37 2.96
CA GLY B 18 3.07 14.16 4.17
C GLY B 18 3.66 13.36 5.31
N LEU B 19 3.10 12.18 5.56
CA LEU B 19 3.64 11.29 6.58
C LEU B 19 5.09 10.88 6.24
N LYS B 20 5.35 10.54 4.98
CA LYS B 20 6.69 10.23 4.56
C LYS B 20 7.64 11.37 4.95
N ARG B 21 7.26 12.60 4.63
CA ARG B 21 8.16 13.75 4.88
C ARG B 21 8.36 14.12 6.35
N MET B 22 7.35 13.84 7.18
CA MET B 22 7.43 14.13 8.61
C MET B 22 8.52 13.23 9.20
N ALA B 23 8.92 12.21 8.44
CA ALA B 23 9.80 11.20 9.01
C ALA B 23 11.30 11.44 8.77
N HIS B 24 11.65 12.53 8.08
CA HIS B 24 13.04 12.76 7.69
C HIS B 24 13.50 14.18 8.10
N PRO B 25 14.76 14.32 8.64
CA PRO B 25 15.22 15.61 9.15
C PRO B 25 14.94 16.73 8.16
N THR B 26 15.40 16.61 6.93
CA THR B 26 15.31 17.73 6.01
C THR B 26 13.88 18.02 5.51
N THR B 27 13.04 17.00 5.35
CA THR B 27 11.64 17.22 4.95
C THR B 27 10.55 17.43 6.07
N ALA B 28 10.93 17.24 7.32
CA ALA B 28 9.94 17.18 8.40
C ALA B 28 8.96 18.35 8.44
N LYS B 29 9.49 19.57 8.38
CA LYS B 29 8.66 20.78 8.51
C LYS B 29 7.57 20.82 7.43
N SER B 30 7.89 20.39 6.22
CA SER B 30 6.96 20.51 5.11
C SER B 30 5.92 19.41 5.16
N GLY B 31 6.31 18.25 5.69
CA GLY B 31 5.36 17.17 5.90
C GLY B 31 3.99 17.60 6.43
N ILE B 32 4.00 18.31 7.55
CA ILE B 32 2.73 18.67 8.17
C ILE B 32 1.92 19.59 7.25
N VAL B 33 2.64 20.45 6.52
CA VAL B 33 2.01 21.30 5.52
C VAL B 33 1.33 20.47 4.44
N TRP B 34 2.04 19.51 3.87
CA TRP B 34 1.35 18.64 2.92
C TRP B 34 0.11 17.99 3.53
N ALA B 35 0.28 17.37 4.70
CA ALA B 35 -0.86 16.69 5.32
C ALA B 35 -1.96 17.71 5.50
N GLY B 36 -1.56 18.95 5.79
CA GLY B 36 -2.49 20.07 5.93
C GLY B 36 -3.51 20.16 4.80
N TRP B 37 -3.01 20.23 3.58
CA TRP B 37 -3.87 20.33 2.42
C TRP B 37 -4.76 19.13 2.32
N GLY B 38 -4.19 17.97 2.61
CA GLY B 38 -4.93 16.73 2.55
C GLY B 38 -6.22 16.94 3.28
N MET B 39 -6.13 17.47 4.50
CA MET B 39 -7.32 17.74 5.30
C MET B 39 -8.24 18.79 4.65
N VAL B 40 -7.70 19.96 4.31
CA VAL B 40 -8.53 20.93 3.63
C VAL B 40 -9.39 20.26 2.56
N LEU B 41 -8.68 19.65 1.59
CA LEU B 41 -9.32 18.98 0.48
C LEU B 41 -10.38 18.02 0.96
N ALA B 42 -10.00 17.19 1.92
CA ALA B 42 -10.91 16.16 2.43
C ALA B 42 -12.21 16.79 2.95
N VAL B 43 -12.07 17.69 3.93
CA VAL B 43 -13.19 18.44 4.51
C VAL B 43 -14.03 19.13 3.41
N LEU B 44 -13.39 19.96 2.58
CA LEU B 44 -14.14 20.63 1.49
C LEU B 44 -14.95 19.63 0.72
N ALA B 45 -14.25 18.71 0.08
CA ALA B 45 -14.85 17.73 -0.79
C ALA B 45 -16.03 17.00 -0.15
N THR B 46 -15.99 16.81 1.17
CA THR B 46 -17.07 16.08 1.83
C THR B 46 -18.40 16.85 2.01
N PHE B 47 -18.37 18.16 1.82
CA PHE B 47 -19.62 18.91 1.67
C PHE B 47 -20.47 18.43 0.48
N PHE B 48 -19.82 17.77 -0.47
CA PHE B 48 -20.51 17.43 -1.70
C PHE B 48 -21.08 16.04 -1.66
N TRP B 49 -21.12 15.45 -0.48
CA TRP B 49 -21.68 14.11 -0.34
C TRP B 49 -23.15 14.17 -0.71
N PRO B 50 -23.64 13.22 -1.53
CA PRO B 50 -25.09 13.21 -1.85
C PRO B 50 -25.95 13.07 -0.60
N GLY B 51 -27.08 13.76 -0.60
CA GLY B 51 -28.08 13.66 0.49
C GLY B 51 -27.66 14.28 1.80
N MET B 52 -26.79 15.28 1.72
CA MET B 52 -26.19 15.93 2.86
C MET B 52 -27.08 17.08 3.34
N GLY B 53 -27.22 17.23 4.65
CA GLY B 53 -28.11 18.21 5.25
C GLY B 53 -27.61 18.57 6.63
N ASN B 54 -28.43 19.29 7.41
CA ASN B 54 -27.99 19.74 8.72
C ASN B 54 -26.71 20.58 8.65
N PHE B 55 -26.49 21.25 7.51
CA PHE B 55 -25.30 22.11 7.33
C PHE B 55 -25.02 23.05 8.52
N ALA B 56 -26.05 23.69 9.07
CA ALA B 56 -25.78 24.70 10.08
C ALA B 56 -25.11 24.00 11.24
N LEU B 57 -25.70 22.88 11.65
CA LEU B 57 -25.12 22.10 12.73
C LEU B 57 -23.68 21.65 12.39
N ILE B 58 -23.45 21.24 11.14
CA ILE B 58 -22.08 20.98 10.69
C ILE B 58 -21.11 22.19 10.88
N LEU B 59 -21.35 23.32 10.20
CA LEU B 59 -20.51 24.53 10.37
C LEU B 59 -20.27 24.85 11.85
N LEU B 60 -21.35 24.97 12.60
CA LEU B 60 -21.26 25.31 13.99
C LEU B 60 -20.29 24.35 14.72
N ALA B 61 -20.48 23.05 14.46
CA ALA B 61 -19.64 22.04 15.06
C ALA B 61 -18.18 22.14 14.55
N LEU B 62 -18.00 22.42 13.27
CA LEU B 62 -16.64 22.57 12.78
C LEU B 62 -15.94 23.76 13.40
N LEU B 63 -16.67 24.86 13.54
CA LEU B 63 -16.09 26.11 13.97
C LEU B 63 -15.68 25.96 15.43
N LEU B 64 -16.62 25.49 16.26
CA LEU B 64 -16.41 25.34 17.71
C LEU B 64 -15.19 24.49 18.04
N GLY B 65 -15.19 23.25 17.55
CA GLY B 65 -14.11 22.31 17.78
C GLY B 65 -12.77 22.76 17.20
N SER B 66 -12.77 23.31 16.01
CA SER B 66 -11.48 23.73 15.46
C SER B 66 -10.94 24.95 16.23
N VAL B 67 -11.84 25.88 16.55
CA VAL B 67 -11.36 27.10 17.19
C VAL B 67 -10.91 26.87 18.62
N VAL B 68 -11.68 26.16 19.41
CA VAL B 68 -11.28 25.96 20.78
C VAL B 68 -9.99 25.14 20.88
N ALA B 69 -9.81 24.17 19.98
CA ALA B 69 -8.57 23.38 19.99
C ALA B 69 -7.34 24.18 19.55
N TRP B 70 -7.46 24.85 18.41
CA TRP B 70 -6.38 25.71 17.95
C TRP B 70 -5.97 26.75 19.05
N TRP B 71 -6.95 27.35 19.70
CA TRP B 71 -6.71 28.37 20.70
C TRP B 71 -5.86 27.71 21.79
N ALA B 72 -6.35 26.59 22.32
CA ALA B 72 -5.60 25.89 23.36
C ALA B 72 -4.19 25.56 22.88
N ALA B 73 -4.05 25.00 21.66
CA ALA B 73 -2.73 24.49 21.23
C ALA B 73 -1.72 25.61 21.16
N VAL B 74 -2.21 26.79 20.85
CA VAL B 74 -1.32 27.88 20.58
C VAL B 74 -0.87 28.55 21.86
N ARG B 75 -1.65 28.39 22.92
CA ARG B 75 -1.34 29.05 24.20
C ARG B 75 -0.54 28.21 25.21
N VAL B 76 -0.65 26.89 25.21
CA VAL B 76 0.03 26.13 26.29
C VAL B 76 1.55 26.27 26.21
N ALA B 77 2.21 26.15 27.36
CA ALA B 77 3.65 25.93 27.44
C ALA B 77 4.14 24.68 26.61
N MET B 78 5.34 24.78 26.04
CA MET B 78 5.96 23.68 25.29
C MET B 78 6.11 22.41 26.11
N THR B 79 6.55 22.56 27.35
CA THR B 79 6.67 21.41 28.24
C THR B 79 5.34 20.72 28.57
N ASP B 80 4.21 21.22 28.08
CA ASP B 80 2.92 20.53 28.27
C ASP B 80 2.42 19.93 26.98
N MET B 81 3.31 19.76 26.02
CA MET B 81 2.89 19.22 24.73
C MET B 81 2.50 17.71 24.77
N PRO B 82 3.20 16.88 25.59
CA PRO B 82 2.79 15.48 25.53
C PRO B 82 1.33 15.35 25.86
N GLN B 83 0.87 16.02 26.90
CA GLN B 83 -0.55 15.86 27.26
C GLN B 83 -1.49 16.41 26.17
N MET B 84 -1.08 17.47 25.49
CA MET B 84 -1.95 18.04 24.46
C MET B 84 -2.17 17.05 23.32
N VAL B 85 -1.06 16.44 22.88
CA VAL B 85 -1.16 15.45 21.86
C VAL B 85 -2.15 14.40 22.33
N ALA B 86 -2.04 14.05 23.61
CA ALA B 86 -2.97 13.08 24.24
C ALA B 86 -4.48 13.46 24.11
N ILE B 87 -4.86 14.65 24.58
CA ILE B 87 -6.24 15.12 24.50
C ILE B 87 -6.76 15.14 23.06
N TYR B 88 -5.92 15.58 22.12
CA TYR B 88 -6.39 15.66 20.75
C TYR B 88 -6.56 14.26 20.14
N ASN B 89 -5.74 13.32 20.59
CA ASN B 89 -5.90 11.94 20.17
C ASN B 89 -7.11 11.26 20.80
N GLY B 90 -7.33 11.49 22.09
CA GLY B 90 -8.60 11.16 22.71
C GLY B 90 -9.76 11.49 21.79
N MET B 91 -9.91 12.76 21.47
CA MET B 91 -11.08 13.25 20.73
C MET B 91 -11.29 12.60 19.38
N GLY B 92 -10.21 12.23 18.70
CA GLY B 92 -10.28 11.35 17.52
C GLY B 92 -10.97 10.01 17.80
N GLY B 93 -10.48 9.30 18.81
CA GLY B 93 -11.17 8.09 19.29
C GLY B 93 -12.67 8.30 19.46
N GLY B 94 -13.04 9.24 20.34
CA GLY B 94 -14.41 9.73 20.46
C GLY B 94 -15.10 9.87 19.10
N ALA B 95 -14.47 10.63 18.20
CA ALA B 95 -14.98 10.80 16.84
C ALA B 95 -15.29 9.45 16.21
N ALA B 96 -14.28 8.58 16.11
CA ALA B 96 -14.54 7.27 15.55
C ALA B 96 -15.77 6.60 16.22
N ALA B 97 -15.89 6.73 17.57
CA ALA B 97 -17.02 6.13 18.31
C ALA B 97 -18.33 6.81 17.93
N THR B 98 -18.37 8.13 18.01
CA THR B 98 -19.55 8.83 17.55
C THR B 98 -20.00 8.34 16.17
N ILE B 99 -19.08 8.22 15.22
CA ILE B 99 -19.47 7.60 13.95
C ILE B 99 -20.10 6.23 14.20
N ALA B 100 -19.31 5.30 14.73
CA ALA B 100 -19.78 3.95 15.04
C ALA B 100 -21.20 4.01 15.60
N ALA B 101 -21.35 4.70 16.74
CA ALA B 101 -22.61 4.81 17.49
C ALA B 101 -23.84 5.27 16.67
N VAL B 102 -23.67 6.24 15.77
CA VAL B 102 -24.81 6.74 15.01
C VAL B 102 -25.29 5.80 13.91
N GLU B 103 -24.35 5.12 13.25
CA GLU B 103 -24.74 4.15 12.23
C GLU B 103 -25.47 2.95 12.89
N LEU B 104 -25.04 2.58 14.10
CA LEU B 104 -25.73 1.58 14.92
C LEU B 104 -27.21 1.91 15.30
N LEU B 105 -27.45 3.12 15.82
CA LEU B 105 -28.78 3.66 16.10
C LEU B 105 -29.70 3.74 14.89
N LYS B 106 -29.07 3.78 13.73
CA LYS B 106 -29.74 3.76 12.47
C LYS B 106 -29.82 2.34 11.90
N GLY B 107 -29.51 1.31 12.72
CA GLY B 107 -29.29 -0.08 12.25
C GLY B 107 -28.94 -0.16 10.77
N ALA B 108 -28.07 0.75 10.32
CA ALA B 108 -27.89 1.11 8.89
C ALA B 108 -27.28 0.06 7.98
N PHE B 109 -26.92 -1.09 8.54
CA PHE B 109 -26.37 -2.17 7.73
C PHE B 109 -27.10 -3.51 7.82
N GLU B 110 -27.41 -4.06 6.65
CA GLU B 110 -27.84 -5.44 6.51
C GLU B 110 -26.62 -6.38 6.33
N ASN B 111 -25.49 -5.85 5.86
CA ASN B 111 -24.21 -6.60 5.92
C ASN B 111 -23.72 -6.64 7.35
N THR B 112 -23.45 -7.85 7.87
CA THR B 112 -23.14 -7.98 9.28
C THR B 112 -21.62 -7.92 9.61
N GLY B 113 -20.75 -8.41 8.69
CA GLY B 113 -19.30 -8.23 8.81
C GLY B 113 -18.92 -6.74 8.83
N LEU B 114 -19.82 -5.91 8.32
CA LEU B 114 -19.63 -4.44 8.33
C LEU B 114 -20.06 -3.86 9.66
N MET B 115 -21.24 -4.28 10.12
CA MET B 115 -21.68 -4.08 11.48
C MET B 115 -20.53 -4.46 12.44
N ALA B 116 -20.03 -5.69 12.31
CA ALA B 116 -18.89 -6.13 13.08
C ALA B 116 -17.84 -5.01 13.14
N LEU B 117 -17.35 -4.61 11.96
CA LEU B 117 -16.26 -3.64 11.83
C LEU B 117 -16.51 -2.31 12.53
N ALA B 118 -17.70 -1.75 12.31
CA ALA B 118 -18.10 -0.54 12.99
C ALA B 118 -17.99 -0.72 14.50
N ILE B 119 -18.52 -1.82 14.99
CA ILE B 119 -18.50 -2.09 16.41
C ILE B 119 -17.07 -2.14 16.94
N LEU B 120 -16.21 -2.91 16.27
CA LEU B 120 -14.81 -3.03 16.63
C LEU B 120 -14.17 -1.66 16.70
N GLY B 121 -14.42 -0.84 15.69
CA GLY B 121 -13.95 0.55 15.69
C GLY B 121 -14.42 1.31 16.92
N GLY B 122 -15.69 1.10 17.25
CA GLY B 122 -16.39 1.83 18.33
C GLY B 122 -15.84 1.50 19.67
N LEU B 123 -15.53 0.22 19.85
CA LEU B 123 -14.84 -0.23 21.03
C LEU B 123 -13.46 0.45 21.09
N ILE B 124 -12.60 0.20 20.09
CA ILE B 124 -11.20 0.66 20.15
C ILE B 124 -11.11 2.19 20.41
N GLY B 125 -11.90 2.93 19.64
CA GLY B 125 -11.97 4.38 19.74
C GLY B 125 -12.43 4.93 21.07
N SER B 126 -13.53 4.36 21.57
CA SER B 126 -14.01 4.69 22.91
C SER B 126 -12.84 4.50 23.87
N VAL B 127 -12.09 3.42 23.69
CA VAL B 127 -11.04 3.12 24.65
C VAL B 127 -9.90 4.13 24.56
N ALA B 128 -9.44 4.38 23.34
CA ALA B 128 -8.47 5.40 23.10
C ALA B 128 -8.93 6.77 23.63
N PHE B 129 -10.22 7.06 23.50
CA PHE B 129 -10.76 8.27 24.10
C PHE B 129 -10.53 8.34 25.62
N THR B 130 -11.13 7.46 26.40
CA THR B 130 -10.98 7.62 27.85
C THR B 130 -9.54 7.34 28.31
N GLY B 131 -8.86 6.45 27.62
CA GLY B 131 -7.47 6.16 27.95
C GLY B 131 -6.57 7.37 27.73
N SER B 132 -6.87 8.15 26.71
CA SER B 132 -6.11 9.36 26.48
C SER B 132 -6.41 10.43 27.52
N LEU B 133 -7.68 10.57 27.92
CA LEU B 133 -8.05 11.51 29.00
C LEU B 133 -7.40 11.22 30.38
N ILE B 134 -7.24 9.95 30.71
CA ILE B 134 -6.61 9.61 31.97
C ILE B 134 -5.13 9.99 31.85
N ALA B 135 -4.59 9.84 30.64
CA ALA B 135 -3.15 10.05 30.41
C ALA B 135 -2.92 11.51 30.66
N PHE B 136 -3.74 12.28 29.97
CA PHE B 136 -3.84 13.68 30.18
C PHE B 136 -3.85 14.00 31.69
N ALA B 137 -4.87 13.51 32.41
CA ALA B 137 -5.07 13.75 33.87
C ALA B 137 -3.80 13.58 34.68
N LYS B 138 -3.11 12.48 34.45
CA LYS B 138 -1.82 12.27 35.11
C LYS B 138 -0.74 13.30 34.75
N LEU B 139 -0.51 13.56 33.48
CA LEU B 139 0.50 14.57 33.10
C LEU B 139 0.16 15.93 33.69
N GLN B 140 -1.15 16.25 33.75
CA GLN B 140 -1.60 17.46 34.37
C GLN B 140 -1.65 17.41 35.91
N GLY B 141 -1.42 16.26 36.54
CA GLY B 141 -1.50 16.21 38.01
C GLY B 141 -2.89 16.54 38.58
N ILE B 142 -3.90 16.54 37.70
CA ILE B 142 -5.30 16.38 38.07
C ILE B 142 -5.55 14.99 38.67
N MET B 143 -4.69 14.05 38.34
CA MET B 143 -4.78 12.67 38.83
C MET B 143 -3.39 12.20 39.26
N LYS B 144 -3.34 11.25 40.18
CA LYS B 144 -2.09 10.70 40.67
C LYS B 144 -1.29 10.23 39.46
N SER B 145 -0.01 10.60 39.38
CA SER B 145 0.81 10.18 38.26
C SER B 145 1.13 8.71 38.34
N ARG B 146 1.51 8.26 39.55
CA ARG B 146 1.95 6.89 39.81
C ARG B 146 0.90 5.83 39.39
N PRO B 147 1.38 4.59 39.15
CA PRO B 147 0.40 3.57 38.84
C PRO B 147 -0.62 3.49 39.98
N ILE B 148 -1.89 3.49 39.61
CA ILE B 148 -2.99 3.46 40.55
C ILE B 148 -3.47 2.00 40.70
N LEU B 149 -3.16 1.37 41.84
CA LEU B 149 -3.39 -0.09 42.04
C LEU B 149 -4.53 -0.46 42.99
N PHE B 150 -5.22 -1.55 42.68
CA PHE B 150 -6.13 -2.12 43.65
C PHE B 150 -6.18 -3.64 43.72
N PRO B 151 -6.39 -4.19 44.94
CA PRO B 151 -6.72 -5.59 45.20
C PRO B 151 -7.44 -6.30 44.02
N GLY B 152 -6.72 -7.18 43.32
CA GLY B 152 -7.28 -7.93 42.19
C GLY B 152 -7.86 -7.12 41.04
N GLN B 153 -7.09 -6.20 40.47
CA GLN B 153 -7.61 -5.43 39.35
C GLN B 153 -7.41 -6.13 38.00
N LYS B 154 -6.29 -6.82 37.85
CA LYS B 154 -5.97 -7.50 36.60
C LYS B 154 -7.19 -8.23 36.10
N ALA B 155 -7.88 -8.91 37.01
CA ALA B 155 -9.10 -9.64 36.64
C ALA B 155 -10.28 -8.73 36.25
N VAL B 156 -10.55 -7.69 37.06
CA VAL B 156 -11.64 -6.75 36.81
C VAL B 156 -11.58 -6.15 35.41
N ASN B 157 -10.37 -5.70 35.06
CA ASN B 157 -10.09 -5.19 33.72
C ASN B 157 -10.36 -6.21 32.64
N ALA B 158 -9.81 -7.42 32.78
CA ALA B 158 -10.13 -8.51 31.83
C ALA B 158 -11.61 -8.69 31.75
N LEU B 159 -12.20 -8.74 32.95
CA LEU B 159 -13.60 -9.04 33.02
C LEU B 159 -14.41 -7.95 32.37
N VAL B 160 -14.08 -6.71 32.66
CA VAL B 160 -14.76 -5.60 32.00
C VAL B 160 -14.58 -5.69 30.47
N LEU B 161 -13.33 -5.90 30.04
CA LEU B 161 -13.02 -6.10 28.63
C LEU B 161 -13.94 -7.13 27.98
N ALA B 162 -13.85 -8.38 28.45
CA ALA B 162 -14.72 -9.49 27.99
C ALA B 162 -16.23 -9.17 27.97
N LEU B 163 -16.76 -8.66 29.09
CA LEU B 163 -18.16 -8.22 29.07
C LEU B 163 -18.49 -7.31 27.86
N THR B 164 -17.65 -6.30 27.65
CA THR B 164 -17.76 -5.29 26.57
C THR B 164 -17.79 -5.93 25.19
N VAL B 165 -16.71 -6.67 24.89
CA VAL B 165 -16.68 -7.44 23.67
C VAL B 165 -17.97 -8.24 23.52
N VAL B 166 -18.35 -8.96 24.58
CA VAL B 166 -19.54 -9.81 24.46
C VAL B 166 -20.77 -8.97 24.16
N ILE B 167 -20.98 -7.89 24.91
CA ILE B 167 -22.19 -7.16 24.59
C ILE B 167 -22.05 -6.51 23.24
N GLY B 168 -20.79 -6.22 22.85
CA GLY B 168 -20.43 -5.77 21.48
C GLY B 168 -21.00 -6.70 20.41
N LEU B 169 -20.53 -7.96 20.40
CA LEU B 169 -21.08 -9.06 19.57
C LEU B 169 -22.61 -9.10 19.63
N SER B 170 -23.15 -9.18 20.85
CA SER B 170 -24.59 -9.20 21.03
C SER B 170 -25.31 -8.27 20.03
N LEU B 171 -24.76 -7.10 19.71
CA LEU B 171 -25.48 -6.19 18.79
C LEU B 171 -25.78 -6.77 17.41
N LEU B 172 -24.99 -7.75 16.98
CA LEU B 172 -25.18 -8.31 15.66
C LEU B 172 -26.59 -8.95 15.59
N TRP B 173 -26.85 -9.97 16.41
CA TRP B 173 -28.25 -10.42 16.59
C TRP B 173 -29.18 -9.31 17.19
N ASN B 174 -28.94 -8.90 18.43
CA ASN B 174 -29.76 -7.84 19.03
C ASN B 174 -29.09 -6.55 19.47
N ASP B 175 -29.62 -5.45 18.94
CA ASP B 175 -29.11 -4.10 19.18
C ASP B 175 -30.20 -3.15 19.70
N ALA B 176 -30.86 -3.54 20.79
CA ALA B 176 -31.72 -2.62 21.49
C ALA B 176 -30.83 -1.43 21.79
N THR B 177 -31.29 -0.25 21.41
CA THR B 177 -30.53 0.95 21.64
C THR B 177 -30.07 0.98 23.14
N ALA B 178 -30.79 0.27 24.00
CA ALA B 178 -30.34 0.01 25.37
C ALA B 178 -28.95 -0.64 25.39
N SER B 179 -28.78 -1.75 24.65
CA SER B 179 -27.49 -2.46 24.67
C SER B 179 -26.36 -1.66 24.00
N ILE B 180 -26.71 -0.81 23.05
CA ILE B 180 -25.73 0.07 22.43
C ILE B 180 -24.99 0.90 23.49
N VAL B 181 -25.76 1.65 24.26
CA VAL B 181 -25.20 2.54 25.30
C VAL B 181 -24.38 1.77 26.31
N LEU B 182 -24.80 0.55 26.55
CA LEU B 182 -24.13 -0.25 27.52
C LEU B 182 -22.72 -0.52 26.99
N PHE B 183 -22.68 -0.86 25.69
CA PHE B 183 -21.44 -1.20 24.98
C PHE B 183 -20.43 -0.06 25.04
N PHE B 184 -20.88 1.14 24.68
CA PHE B 184 -20.01 2.29 24.82
C PHE B 184 -19.56 2.58 26.24
N LEU B 185 -20.43 2.35 27.21
CA LEU B 185 -20.09 2.70 28.57
C LEU B 185 -19.06 1.75 29.05
N LEU B 186 -19.19 0.51 28.59
CA LEU B 186 -18.22 -0.48 28.95
C LEU B 186 -16.90 -0.20 28.24
N ALA B 187 -16.98 0.18 26.96
CA ALA B 187 -15.79 0.52 26.22
C ALA B 187 -15.09 1.66 26.95
N LEU B 188 -15.82 2.76 27.15
CA LEU B 188 -15.31 3.92 27.84
C LEU B 188 -14.74 3.51 29.19
N LEU B 189 -15.53 2.80 29.97
CA LEU B 189 -15.04 2.42 31.28
C LEU B 189 -13.67 1.74 31.14
N PHE B 190 -13.57 0.84 30.17
CA PHE B 190 -12.37 0.02 30.04
C PHE B 190 -11.13 0.85 29.69
N GLY B 191 -11.31 1.83 28.80
CA GLY B 191 -10.28 2.85 28.56
C GLY B 191 -9.73 3.34 29.89
N VAL B 192 -10.63 3.84 30.76
CA VAL B 192 -10.23 4.29 32.10
C VAL B 192 -9.48 3.23 32.86
N LEU B 193 -10.06 2.03 32.91
CA LEU B 193 -9.50 0.95 33.74
C LEU B 193 -8.11 0.56 33.29
N MET B 194 -7.92 0.66 31.98
CA MET B 194 -6.70 0.27 31.30
C MET B 194 -5.52 1.12 31.70
N THR B 195 -5.76 2.39 31.96
CA THR B 195 -4.64 3.30 32.00
C THR B 195 -4.22 3.66 33.44
N LEU B 196 -5.16 3.47 34.39
CA LEU B 196 -4.86 3.56 35.82
C LEU B 196 -3.49 3.00 36.23
N PRO B 197 -3.09 1.85 35.69
CA PRO B 197 -1.84 1.33 36.23
C PRO B 197 -0.59 1.93 35.61
N ILE B 198 -0.77 2.82 34.63
CA ILE B 198 0.38 3.36 33.91
C ILE B 198 1.06 4.54 34.60
N GLY B 199 2.29 4.31 35.08
CA GLY B 199 3.11 5.41 35.59
C GLY B 199 3.23 6.63 34.66
N GLY B 200 2.92 7.81 35.23
CA GLY B 200 3.27 9.13 34.66
C GLY B 200 4.50 9.13 33.73
N GLY B 201 5.63 8.63 34.18
CA GLY B 201 6.85 8.66 33.38
C GLY B 201 6.87 7.70 32.22
N ASP B 202 5.90 6.79 32.14
CA ASP B 202 5.84 5.82 31.04
C ASP B 202 4.99 6.38 29.93
N MET B 203 4.34 7.51 30.22
CA MET B 203 3.17 7.97 29.46
C MET B 203 3.38 8.26 27.96
N PRO B 204 4.61 8.67 27.59
CA PRO B 204 4.69 9.01 26.19
C PRO B 204 4.49 7.76 25.37
N VAL B 205 4.86 6.60 25.91
CA VAL B 205 4.69 5.36 25.14
C VAL B 205 3.18 5.01 25.01
N ALA B 206 2.45 5.19 26.10
CA ALA B 206 1.03 4.85 26.11
C ALA B 206 0.28 5.79 25.18
N ILE B 207 0.78 7.01 25.10
CA ILE B 207 0.18 7.98 24.21
C ILE B 207 0.37 7.50 22.76
N SER B 208 1.58 7.04 22.41
CA SER B 208 1.78 6.48 21.07
C SER B 208 0.84 5.32 20.76
N PHE B 209 0.70 4.47 21.74
CA PHE B 209 -0.17 3.29 21.67
C PHE B 209 -1.61 3.67 21.32
N TYR B 210 -2.10 4.66 22.05
CA TYR B 210 -3.45 5.16 21.85
C TYR B 210 -3.60 5.89 20.52
N ASN B 211 -2.53 6.56 20.12
CA ASN B 211 -2.49 7.12 18.79
C ASN B 211 -2.71 6.02 17.71
N ALA B 212 -1.94 4.95 17.81
CA ALA B 212 -2.12 3.79 16.97
C ALA B 212 -3.55 3.32 17.10
N PHE B 213 -4.02 3.22 18.35
CA PHE B 213 -5.41 2.85 18.62
C PHE B 213 -6.42 3.65 17.84
N THR B 214 -6.37 4.98 17.95
CA THR B 214 -7.39 5.77 17.25
C THR B 214 -7.22 5.63 15.73
N GLY B 215 -5.97 5.70 15.25
CA GLY B 215 -5.70 5.39 13.84
C GLY B 215 -6.47 4.16 13.36
N MET B 216 -6.26 3.02 14.01
CA MET B 216 -6.92 1.78 13.63
C MET B 216 -8.43 2.01 13.72
N ALA B 217 -8.87 2.63 14.83
CA ALA B 217 -10.29 2.84 15.07
C ALA B 217 -10.93 3.54 13.85
N VAL B 218 -10.31 4.61 13.36
CA VAL B 218 -10.88 5.35 12.21
C VAL B 218 -10.80 4.55 10.89
N GLY B 219 -9.63 3.97 10.58
CA GLY B 219 -9.54 3.02 9.48
C GLY B 219 -10.70 2.03 9.49
N PHE B 220 -10.92 1.32 10.61
CA PHE B 220 -12.06 0.38 10.73
C PHE B 220 -13.38 1.08 10.47
N GLU B 221 -13.65 2.14 11.21
CA GLU B 221 -14.83 2.95 10.96
C GLU B 221 -14.93 3.30 9.46
N GLY B 222 -13.79 3.59 8.82
CA GLY B 222 -13.79 3.87 7.39
C GLY B 222 -14.25 2.77 6.44
N PHE B 223 -13.88 1.52 6.72
CA PHE B 223 -14.20 0.37 5.87
C PHE B 223 -15.64 0.01 5.99
N ALA B 224 -16.08 0.03 7.25
CA ALA B 224 -17.43 -0.30 7.72
C ALA B 224 -18.48 0.58 7.05
N VAL B 225 -18.27 1.89 7.11
CA VAL B 225 -18.97 2.82 6.26
C VAL B 225 -18.06 2.88 5.02
N GLY B 226 -18.50 3.40 3.91
CA GLY B 226 -17.66 3.25 2.73
C GLY B 226 -16.84 4.51 2.54
N ASN B 227 -15.93 4.80 3.46
CA ASN B 227 -15.16 6.02 3.31
C ASN B 227 -13.65 5.82 3.04
N PRO B 228 -13.18 6.11 1.80
CA PRO B 228 -11.78 5.77 1.50
C PRO B 228 -10.82 6.67 2.28
N ALA B 229 -11.20 7.93 2.42
CA ALA B 229 -10.36 8.92 3.09
C ALA B 229 -9.92 8.41 4.45
N LEU B 230 -10.90 7.85 5.18
CA LEU B 230 -10.70 7.22 6.48
C LEU B 230 -10.00 5.87 6.39
N MET B 231 -10.43 5.02 5.47
CA MET B 231 -9.83 3.72 5.27
C MET B 231 -8.31 3.85 5.20
N VAL B 232 -7.85 4.69 4.28
CA VAL B 232 -6.41 4.78 4.04
C VAL B 232 -5.73 5.34 5.28
N ALA B 233 -6.08 6.57 5.63
CA ALA B 233 -5.47 7.29 6.73
C ALA B 233 -5.48 6.58 8.10
N GLY B 234 -6.61 6.00 8.47
CA GLY B 234 -6.70 5.30 9.74
C GLY B 234 -5.60 4.26 9.88
N THR B 235 -5.55 3.36 8.89
CA THR B 235 -4.67 2.21 8.94
C THR B 235 -3.21 2.68 8.78
N LEU B 236 -3.03 3.67 7.91
CA LEU B 236 -1.73 4.25 7.68
C LEU B 236 -1.14 4.58 9.03
N VAL B 237 -1.93 5.31 9.82
CA VAL B 237 -1.53 5.79 11.12
C VAL B 237 -1.53 4.67 12.14
N GLY B 238 -2.62 3.88 12.16
CA GLY B 238 -2.63 2.63 12.94
C GLY B 238 -1.33 1.84 12.81
N ALA B 239 -0.96 1.53 11.58
CA ALA B 239 0.31 0.94 11.26
C ALA B 239 1.51 1.75 11.71
N ALA B 240 1.76 2.89 11.08
CA ALA B 240 2.92 3.69 11.49
C ALA B 240 2.93 3.94 13.01
N GLY B 241 1.75 4.19 13.59
CA GLY B 241 1.62 4.40 15.02
C GLY B 241 2.13 3.21 15.81
N THR B 242 1.67 1.99 15.50
CA THR B 242 2.14 0.87 16.29
C THR B 242 3.68 0.73 16.22
N LEU B 243 4.27 0.82 15.02
CA LEU B 243 5.73 0.79 14.91
C LEU B 243 6.39 1.90 15.76
N LEU B 244 5.85 3.11 15.67
CA LEU B 244 6.37 4.25 16.42
C LEU B 244 6.38 3.91 17.90
N THR B 245 5.26 3.38 18.38
CA THR B 245 5.14 2.93 19.77
C THR B 245 6.28 2.00 20.16
N VAL B 246 6.57 1.04 19.27
CA VAL B 246 7.67 0.12 19.53
C VAL B 246 9.00 0.89 19.61
N LEU B 247 9.27 1.79 18.67
CA LEU B 247 10.60 2.42 18.76
C LEU B 247 10.70 3.34 19.98
N MET B 248 9.56 3.92 20.38
CA MET B 248 9.60 4.82 21.52
C MET B 248 9.95 4.00 22.75
N ALA B 249 9.22 2.92 22.97
CA ALA B 249 9.50 2.00 24.05
C ALA B 249 11.00 1.68 24.08
N ARG B 250 11.53 1.34 22.91
CA ARG B 250 12.91 0.90 22.77
C ARG B 250 13.83 2.03 23.19
N ALA B 251 13.46 3.24 22.82
CA ALA B 251 14.29 4.40 23.16
C ALA B 251 14.33 4.64 24.65
N MET B 252 13.19 4.48 25.32
CA MET B 252 13.14 4.54 26.75
C MET B 252 13.81 3.36 27.45
N ASN B 253 14.24 2.34 26.70
CA ASN B 253 14.94 1.17 27.29
C ASN B 253 13.89 0.46 28.14
N ARG B 254 12.71 0.33 27.55
CA ARG B 254 11.52 -0.22 28.18
C ARG B 254 10.68 -1.01 27.16
N SER B 255 9.88 -1.94 27.67
CA SER B 255 9.05 -2.73 26.81
C SER B 255 7.66 -2.15 26.94
N VAL B 256 6.84 -2.33 25.90
CA VAL B 256 5.46 -1.82 25.96
C VAL B 256 4.59 -2.64 26.91
N TRP B 257 4.84 -3.95 27.00
CA TRP B 257 4.17 -4.72 28.04
C TRP B 257 4.57 -4.08 29.37
N ILE B 258 5.88 -3.83 29.57
CA ILE B 258 6.36 -3.18 30.80
C ILE B 258 5.47 -1.96 31.07
N SER B 259 5.34 -1.04 30.09
CA SER B 259 4.56 0.18 30.30
C SER B 259 3.10 -0.13 30.58
N VAL B 260 2.52 -1.00 29.78
CA VAL B 260 1.07 -1.24 29.85
C VAL B 260 0.55 -1.70 31.25
N LEU B 261 1.42 -2.27 32.09
CA LEU B 261 1.15 -2.38 33.55
C LEU B 261 2.14 -1.65 34.52
N VAL B 262 3.30 -2.28 34.77
CA VAL B 262 4.27 -1.91 35.84
C VAL B 262 3.59 -2.04 37.25
N GLY B 263 3.40 -3.30 37.67
CA GLY B 263 2.44 -3.68 38.74
C GLY B 263 1.08 -3.89 38.06
N GLY B 264 0.36 -4.94 38.42
CA GLY B 264 -0.84 -5.38 37.67
C GLY B 264 -1.85 -4.34 37.20
N MET C 1 -13.37 -11.79 -12.04
CA MET C 1 -13.02 -11.03 -10.80
C MET C 1 -13.34 -9.52 -10.90
N GLU C 2 -14.27 -9.09 -10.05
CA GLU C 2 -14.77 -7.71 -10.00
C GLU C 2 -13.99 -6.81 -9.04
N PHE C 3 -13.10 -5.96 -9.58
CA PHE C 3 -12.47 -4.89 -8.79
C PHE C 3 -12.85 -3.56 -9.42
N GLY C 4 -13.56 -2.72 -8.68
CA GLY C 4 -13.90 -1.39 -9.19
C GLY C 4 -12.71 -0.54 -9.59
N PHE C 5 -12.96 0.54 -10.31
CA PHE C 5 -11.89 1.40 -10.80
C PHE C 5 -11.13 2.09 -9.67
N TRP C 6 -11.86 2.64 -8.70
CA TRP C 6 -11.23 3.33 -7.58
C TRP C 6 -10.51 2.35 -6.63
N SER C 7 -11.16 1.24 -6.31
CA SER C 7 -10.47 0.14 -5.66
C SER C 7 -9.12 -0.15 -6.38
N ALA C 8 -9.15 -0.29 -7.71
CA ALA C 8 -7.91 -0.59 -8.41
C ALA C 8 -6.88 0.55 -8.36
N LEU C 9 -7.33 1.77 -8.62
CA LEU C 9 -6.43 2.89 -8.66
C LEU C 9 -5.67 2.98 -7.33
N TYR C 10 -6.41 2.79 -6.23
CA TYR C 10 -5.81 2.83 -4.90
C TYR C 10 -4.79 1.74 -4.81
N ILE C 11 -5.24 0.51 -5.06
CA ILE C 11 -4.31 -0.61 -5.04
C ILE C 11 -3.05 -0.30 -5.85
N PHE C 12 -3.20 0.26 -7.04
CA PHE C 12 -2.04 0.60 -7.84
C PHE C 12 -1.08 1.56 -7.11
N VAL C 13 -1.63 2.66 -6.62
CA VAL C 13 -0.78 3.71 -6.05
C VAL C 13 -0.19 3.30 -4.73
N LEU C 14 -0.98 2.58 -3.94
CA LEU C 14 -0.49 2.09 -2.66
C LEU C 14 0.73 1.18 -2.87
N THR C 15 0.62 0.25 -3.83
CA THR C 15 1.72 -0.68 -3.98
C THR C 15 2.92 -0.05 -4.67
N CYS C 16 2.64 0.94 -5.52
CA CYS C 16 3.65 1.80 -6.09
C CYS C 16 4.48 2.47 -5.01
N PHE C 17 3.81 3.04 -4.02
CA PHE C 17 4.50 3.66 -2.88
C PHE C 17 5.27 2.67 -2.05
N LEU C 18 4.65 1.51 -1.82
CA LEU C 18 5.30 0.46 -1.05
C LEU C 18 6.55 -0.05 -1.77
N GLY C 19 6.35 -0.40 -3.05
CA GLY C 19 7.45 -0.76 -3.95
C GLY C 19 8.66 0.14 -3.75
N TYR C 20 8.44 1.44 -3.94
CA TYR C 20 9.51 2.41 -3.82
C TYR C 20 10.12 2.39 -2.41
N GLU C 21 9.28 2.52 -1.38
CA GLU C 21 9.74 2.63 0.01
C GLU C 21 10.68 1.51 0.45
N LEU C 22 10.39 0.29 -0.01
CA LEU C 22 11.10 -0.89 0.47
C LEU C 22 12.57 -0.91 0.06
N ILE C 23 12.89 -0.18 -1.01
CA ILE C 23 14.15 -0.26 -1.75
C ILE C 23 15.04 0.91 -1.38
N THR C 24 14.49 1.87 -0.66
CA THR C 24 15.16 3.14 -0.46
C THR C 24 16.55 2.97 0.17
N ARG C 25 16.58 2.36 1.36
CA ARG C 25 17.83 2.25 2.13
C ARG C 25 18.54 0.94 1.79
N VAL C 26 19.03 0.78 0.57
CA VAL C 26 19.70 -0.49 0.26
C VAL C 26 21.12 -0.39 -0.22
N PRO C 27 21.99 -1.15 0.42
CA PRO C 27 23.42 -1.09 0.15
C PRO C 27 23.74 -1.46 -1.28
N VAL C 28 24.71 -0.75 -1.85
CA VAL C 28 25.25 -1.07 -3.17
C VAL C 28 25.45 -2.57 -3.29
N ILE C 29 25.94 -3.14 -2.20
CA ILE C 29 26.33 -4.51 -2.13
C ILE C 29 25.13 -5.44 -2.45
N LEU C 30 23.96 -4.86 -2.67
CA LEU C 30 22.72 -5.63 -2.77
C LEU C 30 21.89 -5.26 -3.98
N HIS C 31 22.25 -4.17 -4.65
CA HIS C 31 21.64 -3.81 -5.94
C HIS C 31 21.40 -5.04 -6.81
N THR C 32 22.47 -5.68 -7.27
CA THR C 32 22.37 -6.79 -8.21
C THR C 32 21.46 -7.97 -7.78
N PRO C 33 21.69 -8.57 -6.60
CA PRO C 33 20.80 -9.69 -6.28
C PRO C 33 19.37 -9.20 -6.15
N LEU C 34 19.19 -8.05 -5.50
CA LEU C 34 17.86 -7.46 -5.30
C LEU C 34 17.21 -7.27 -6.68
N MET C 35 18.05 -6.88 -7.65
CA MET C 35 17.61 -6.80 -9.03
C MET C 35 17.18 -8.17 -9.55
N SER C 36 17.94 -9.21 -9.20
CA SER C 36 17.56 -10.54 -9.65
C SER C 36 16.23 -11.00 -9.07
N GLY C 37 16.04 -10.82 -7.76
CA GLY C 37 14.84 -11.34 -7.07
C GLY C 37 13.54 -10.64 -7.40
N SER C 38 13.62 -9.31 -7.58
CA SER C 38 12.49 -8.59 -8.13
C SER C 38 12.19 -9.16 -9.51
N ASN C 39 13.25 -9.38 -10.29
CA ASN C 39 13.10 -9.91 -11.63
C ASN C 39 12.34 -11.21 -11.53
N PHE C 40 12.80 -12.10 -10.64
CA PHE C 40 12.08 -13.35 -10.34
C PHE C 40 10.58 -13.11 -10.09
N ILE C 41 10.27 -12.12 -9.28
CA ILE C 41 8.89 -11.92 -8.87
C ILE C 41 7.97 -11.58 -10.03
N HIS C 42 8.43 -10.80 -11.02
CA HIS C 42 7.52 -10.61 -12.14
C HIS C 42 7.20 -11.93 -12.87
N GLY C 43 8.10 -12.89 -12.73
CA GLY C 43 7.83 -14.25 -13.17
C GLY C 43 6.39 -14.68 -12.95
N VAL C 44 5.70 -14.11 -11.95
CA VAL C 44 4.29 -14.46 -11.76
C VAL C 44 3.52 -14.29 -13.03
N VAL C 45 4.12 -13.61 -14.01
CA VAL C 45 3.46 -13.48 -15.29
C VAL C 45 2.97 -14.84 -15.85
N VAL C 46 3.73 -15.93 -15.60
CA VAL C 46 3.28 -17.27 -16.01
C VAL C 46 1.80 -17.49 -15.75
N VAL C 47 1.39 -17.18 -14.52
CA VAL C 47 -0.01 -17.30 -14.06
C VAL C 47 -0.99 -16.60 -15.03
N GLY C 48 -0.55 -15.48 -15.59
CA GLY C 48 -1.33 -14.75 -16.58
C GLY C 48 -1.37 -15.50 -17.90
N ALA C 49 -0.19 -15.91 -18.37
CA ALA C 49 -0.10 -16.74 -19.55
C ALA C 49 -0.96 -18.02 -19.38
N MET C 50 -0.89 -18.64 -18.20
CA MET C 50 -1.64 -19.86 -17.96
C MET C 50 -3.15 -19.68 -18.19
N VAL C 51 -3.72 -18.60 -17.65
CA VAL C 51 -5.17 -18.42 -17.78
C VAL C 51 -5.61 -18.13 -19.20
N VAL C 52 -4.76 -17.41 -19.90
CA VAL C 52 -5.03 -17.06 -21.27
C VAL C 52 -5.00 -18.36 -22.13
N LEU C 53 -3.95 -19.16 -21.97
CA LEU C 53 -3.89 -20.45 -22.65
C LEU C 53 -5.12 -21.31 -22.29
N GLY C 54 -5.36 -21.49 -20.98
CA GLY C 54 -6.51 -22.23 -20.49
C GLY C 54 -7.87 -21.83 -21.08
N HIS C 55 -7.90 -20.76 -21.88
CA HIS C 55 -9.18 -20.23 -22.41
C HIS C 55 -9.14 -20.04 -23.93
N ALA C 56 -8.01 -20.45 -24.53
CA ALA C 56 -7.74 -20.33 -25.98
C ALA C 56 -8.60 -21.30 -26.82
N GLU C 57 -9.17 -20.77 -27.90
CA GLU C 57 -10.03 -21.56 -28.78
C GLU C 57 -9.46 -21.83 -30.19
N THR C 58 -9.04 -20.78 -30.91
CA THR C 58 -8.36 -20.94 -32.22
C THR C 58 -6.95 -21.52 -32.03
N GLY C 59 -6.31 -21.87 -33.14
CA GLY C 59 -4.92 -22.37 -33.10
C GLY C 59 -3.88 -21.28 -32.80
N LEU C 60 -4.04 -20.12 -33.44
CA LEU C 60 -3.11 -19.01 -33.20
C LEU C 60 -3.08 -18.73 -31.72
N GLU C 61 -4.28 -18.61 -31.13
CA GLU C 61 -4.46 -18.40 -29.71
C GLU C 61 -3.68 -19.41 -28.88
N LYS C 62 -3.98 -20.69 -29.07
CA LYS C 62 -3.29 -21.73 -28.32
C LYS C 62 -1.79 -21.63 -28.54
N LEU C 63 -1.37 -21.22 -29.73
CA LEU C 63 0.06 -21.18 -30.05
C LEU C 63 0.79 -20.05 -29.30
N ILE C 64 0.12 -18.90 -29.21
CA ILE C 64 0.67 -17.74 -28.50
C ILE C 64 0.57 -17.93 -26.97
N GLY C 65 -0.52 -18.54 -26.51
CA GLY C 65 -0.67 -18.97 -25.10
C GLY C 65 0.36 -19.99 -24.65
N PHE C 66 0.61 -20.99 -25.48
CA PHE C 66 1.69 -21.95 -25.31
C PHE C 66 3.02 -21.23 -25.15
N LEU C 67 3.24 -20.26 -26.04
CA LEU C 67 4.48 -19.57 -26.15
C LEU C 67 4.80 -18.76 -24.88
N GLY C 68 3.77 -18.08 -24.37
CA GLY C 68 3.92 -17.22 -23.21
C GLY C 68 4.05 -18.01 -21.92
N VAL C 69 3.34 -19.14 -21.84
CA VAL C 69 3.52 -20.02 -20.68
C VAL C 69 4.95 -20.48 -20.60
N ILE C 70 5.58 -20.75 -21.74
CA ILE C 70 7.00 -21.09 -21.76
C ILE C 70 7.80 -19.94 -21.20
N LEU C 71 7.58 -18.75 -21.76
CA LEU C 71 8.32 -17.55 -21.37
C LEU C 71 8.15 -17.20 -19.87
N GLY C 72 6.89 -17.25 -19.44
CA GLY C 72 6.55 -16.99 -18.04
C GLY C 72 7.31 -17.94 -17.16
N ALA C 73 7.21 -19.23 -17.47
CA ALA C 73 7.86 -20.26 -16.65
C ALA C 73 9.37 -20.05 -16.63
N ALA C 74 9.93 -19.66 -17.77
CA ALA C 74 11.36 -19.49 -17.83
C ALA C 74 11.75 -18.37 -16.90
N ASN C 75 10.95 -17.29 -16.92
CA ASN C 75 11.16 -16.14 -16.04
C ASN C 75 11.21 -16.55 -14.54
N ALA C 76 10.11 -17.09 -14.02
CA ALA C 76 10.06 -17.57 -12.64
C ALA C 76 11.17 -18.55 -12.32
N ALA C 77 11.33 -19.57 -13.16
CA ALA C 77 12.38 -20.58 -12.91
C ALA C 77 13.79 -19.98 -12.92
N GLY C 78 14.14 -19.32 -14.01
CA GLY C 78 15.46 -18.72 -14.11
C GLY C 78 15.70 -17.73 -12.99
N GLY C 79 14.66 -16.94 -12.71
CA GLY C 79 14.67 -15.95 -11.67
C GLY C 79 15.06 -16.54 -10.33
N TYR C 80 14.32 -17.56 -9.89
CA TYR C 80 14.57 -18.22 -8.59
C TYR C 80 15.99 -18.74 -8.39
N ALA C 81 16.48 -19.50 -9.36
CA ALA C 81 17.82 -20.09 -9.29
C ALA C 81 18.94 -19.05 -9.36
N VAL C 82 18.89 -18.12 -10.32
CA VAL C 82 19.98 -17.14 -10.44
C VAL C 82 20.08 -16.37 -9.13
N THR C 83 18.92 -16.07 -8.54
CA THR C 83 18.90 -15.28 -7.31
C THR C 83 19.42 -16.11 -6.16
N VAL C 84 18.90 -17.33 -6.00
CA VAL C 84 19.41 -18.20 -4.92
C VAL C 84 20.94 -18.28 -4.88
N ARG C 85 21.54 -18.56 -6.03
CA ARG C 85 22.99 -18.54 -6.21
C ARG C 85 23.61 -17.23 -5.81
N MET C 86 23.03 -16.13 -6.27
CA MET C 86 23.55 -14.81 -5.97
C MET C 86 23.56 -14.48 -4.49
N LEU C 87 22.55 -14.92 -3.73
CA LEU C 87 22.51 -14.69 -2.27
C LEU C 87 23.34 -15.74 -1.51
N GLU C 88 24.02 -16.59 -2.26
CA GLU C 88 24.86 -17.61 -1.69
C GLU C 88 26.11 -16.97 -1.14
N MET C 89 26.81 -16.24 -2.02
CA MET C 89 28.12 -15.67 -1.70
C MET C 89 27.95 -14.53 -0.69
N PHE C 90 27.52 -14.87 0.52
CA PHE C 90 27.27 -13.91 1.61
C PHE C 90 27.85 -14.45 2.91
N MET D 1 -15.24 -14.04 -1.44
CA MET D 1 -16.18 -15.10 -1.93
C MET D 1 -15.47 -16.38 -2.41
N ASP D 2 -14.13 -16.36 -2.47
CA ASP D 2 -13.41 -17.25 -3.39
C ASP D 2 -11.98 -17.67 -3.00
N LEU D 3 -11.65 -18.93 -3.30
CA LEU D 3 -10.40 -19.49 -2.78
C LEU D 3 -9.14 -19.09 -3.53
N ILE D 4 -9.28 -18.81 -4.83
CA ILE D 4 -8.20 -18.20 -5.59
C ILE D 4 -7.89 -16.78 -5.05
N GLN D 5 -8.94 -16.02 -4.78
CA GLN D 5 -8.73 -14.69 -4.24
C GLN D 5 -7.90 -14.80 -2.98
N ALA D 6 -8.30 -15.73 -2.11
CA ALA D 6 -7.56 -16.00 -0.90
C ALA D 6 -6.11 -16.40 -1.23
N ALA D 7 -6.01 -17.37 -2.13
CA ALA D 7 -4.75 -17.87 -2.62
C ALA D 7 -3.77 -16.73 -3.02
N TYR D 8 -4.27 -15.77 -3.80
CA TYR D 8 -3.42 -14.72 -4.33
C TYR D 8 -3.15 -13.71 -3.26
N PHE D 9 -4.15 -13.54 -2.42
CA PHE D 9 -3.98 -12.65 -1.32
C PHE D 9 -2.72 -13.04 -0.52
N VAL D 10 -2.60 -14.34 -0.21
CA VAL D 10 -1.43 -14.79 0.54
C VAL D 10 -0.19 -14.51 -0.32
N VAL D 11 -0.29 -14.95 -1.58
CA VAL D 11 0.76 -14.77 -2.56
C VAL D 11 1.26 -13.33 -2.52
N ALA D 12 0.34 -12.36 -2.57
CA ALA D 12 0.72 -10.97 -2.35
C ALA D 12 1.62 -10.75 -1.09
N ILE D 13 1.17 -11.22 0.07
CA ILE D 13 1.94 -10.96 1.27
C ILE D 13 3.32 -11.62 1.15
N LEU D 14 3.34 -12.83 0.59
CA LEU D 14 4.59 -13.59 0.56
C LEU D 14 5.60 -12.92 -0.37
N PHE D 15 5.11 -12.36 -1.48
CA PHE D 15 5.98 -11.55 -2.37
C PHE D 15 6.49 -10.28 -1.71
N ILE D 16 5.58 -9.57 -1.05
CA ILE D 16 6.00 -8.33 -0.33
C ILE D 16 7.06 -8.56 0.76
N VAL D 17 6.81 -9.54 1.64
CA VAL D 17 7.81 -9.84 2.67
C VAL D 17 9.13 -10.26 2.04
N GLY D 18 9.01 -11.12 1.00
CA GLY D 18 10.13 -11.60 0.19
C GLY D 18 11.08 -10.48 -0.17
N LEU D 19 10.56 -9.52 -0.90
CA LEU D 19 11.28 -8.31 -1.22
C LEU D 19 11.74 -7.49 -0.01
N LYS D 20 10.86 -7.21 0.97
CA LYS D 20 11.28 -6.48 2.19
C LYS D 20 12.53 -7.16 2.74
N ARG D 21 12.40 -8.47 2.94
CA ARG D 21 13.50 -9.28 3.45
C ARG D 21 14.75 -9.34 2.56
N MET D 22 14.56 -9.33 1.25
CA MET D 22 15.66 -9.32 0.32
C MET D 22 16.36 -7.96 0.35
N ALA D 23 15.74 -7.00 1.01
CA ALA D 23 16.30 -5.65 0.90
C ALA D 23 17.40 -5.39 1.90
N HIS D 24 17.47 -6.18 2.97
CA HIS D 24 18.56 -6.06 3.94
C HIS D 24 19.34 -7.35 3.95
N PRO D 25 20.67 -7.26 4.16
CA PRO D 25 21.59 -8.40 4.07
C PRO D 25 21.24 -9.43 5.11
N THR D 26 21.35 -9.00 6.36
CA THR D 26 20.89 -9.74 7.50
C THR D 26 19.69 -10.67 7.18
N THR D 27 18.82 -10.25 6.26
CA THR D 27 17.61 -11.03 5.99
C THR D 27 17.49 -11.60 4.54
N ALA D 28 18.46 -11.28 3.71
CA ALA D 28 18.34 -11.45 2.26
C ALA D 28 18.17 -12.88 1.77
N LYS D 29 19.08 -13.78 2.18
CA LYS D 29 18.95 -15.18 1.76
C LYS D 29 17.55 -15.67 2.13
N SER D 30 17.01 -15.17 3.23
CA SER D 30 15.68 -15.54 3.66
C SER D 30 14.66 -15.23 2.54
N GLY D 31 14.96 -14.16 1.81
CA GLY D 31 14.02 -13.47 0.94
C GLY D 31 13.44 -14.23 -0.23
N ILE D 32 14.31 -14.78 -1.10
CA ILE D 32 13.81 -15.57 -2.24
C ILE D 32 13.00 -16.74 -1.77
N VAL D 33 13.42 -17.36 -0.67
CA VAL D 33 12.65 -18.48 -0.16
C VAL D 33 11.18 -18.06 0.01
N TRP D 34 11.00 -16.93 0.69
CA TRP D 34 9.68 -16.33 0.84
C TRP D 34 8.93 -16.13 -0.49
N ALA D 35 9.61 -15.55 -1.48
CA ALA D 35 9.01 -15.38 -2.81
C ALA D 35 8.57 -16.70 -3.39
N GLY D 36 9.43 -17.70 -3.27
CA GLY D 36 9.24 -19.01 -3.88
C GLY D 36 7.89 -19.54 -3.49
N TRP D 37 7.57 -19.36 -2.21
CA TRP D 37 6.34 -19.96 -1.79
C TRP D 37 5.19 -19.23 -2.46
N GLY D 38 5.35 -17.91 -2.57
CA GLY D 38 4.40 -17.10 -3.31
C GLY D 38 4.30 -17.67 -4.71
N MET D 39 5.42 -17.69 -5.41
CA MET D 39 5.43 -18.27 -6.75
C MET D 39 4.73 -19.65 -6.80
N VAL D 40 5.20 -20.61 -6.01
CA VAL D 40 4.60 -21.93 -6.00
C VAL D 40 3.09 -21.84 -5.74
N LEU D 41 2.72 -21.17 -4.63
CA LEU D 41 1.32 -21.05 -4.23
C LEU D 41 0.54 -20.48 -5.39
N ALA D 42 1.10 -19.43 -5.98
CA ALA D 42 0.50 -18.78 -7.13
C ALA D 42 0.23 -19.80 -8.22
N VAL D 43 1.29 -20.45 -8.72
CA VAL D 43 1.12 -21.44 -9.79
C VAL D 43 0.08 -22.50 -9.43
N LEU D 44 0.24 -23.13 -8.27
CA LEU D 44 -0.69 -24.19 -7.89
C LEU D 44 -2.11 -23.71 -7.76
N ALA D 45 -2.33 -22.63 -7.03
CA ALA D 45 -3.69 -22.12 -6.92
C ALA D 45 -4.44 -21.95 -8.27
N THR D 46 -3.75 -21.58 -9.34
CA THR D 46 -4.48 -21.15 -10.54
C THR D 46 -4.95 -22.30 -11.45
N PHE D 47 -4.30 -23.46 -11.32
CA PHE D 47 -4.86 -24.70 -11.88
C PHE D 47 -6.36 -24.86 -11.62
N PHE D 48 -6.84 -24.26 -10.53
CA PHE D 48 -8.24 -24.40 -10.20
C PHE D 48 -9.07 -23.33 -10.86
N TRP D 49 -8.50 -22.58 -11.80
CA TRP D 49 -9.22 -21.49 -12.43
C TRP D 49 -10.38 -22.11 -13.21
N PRO D 50 -11.62 -21.61 -12.99
CA PRO D 50 -12.82 -22.22 -13.58
C PRO D 50 -12.69 -22.43 -15.09
N GLY D 51 -12.96 -23.66 -15.54
CA GLY D 51 -12.98 -24.01 -16.96
C GLY D 51 -11.68 -23.78 -17.70
N MET D 52 -10.62 -24.47 -17.28
CA MET D 52 -9.27 -24.35 -17.87
C MET D 52 -8.86 -25.51 -18.79
N GLY D 53 -9.23 -25.37 -20.08
CA GLY D 53 -8.86 -26.31 -21.15
C GLY D 53 -7.38 -26.33 -21.42
N ASN D 54 -6.98 -26.98 -22.51
CA ASN D 54 -5.57 -27.09 -22.85
C ASN D 54 -4.63 -27.46 -21.68
N PHE D 55 -5.15 -28.28 -20.75
CA PHE D 55 -4.33 -28.67 -19.63
C PHE D 55 -2.99 -29.26 -20.04
N ALA D 56 -2.99 -30.33 -20.83
CA ALA D 56 -1.74 -30.89 -21.34
C ALA D 56 -0.75 -29.79 -21.69
N LEU D 57 -1.17 -28.89 -22.59
CA LEU D 57 -0.32 -27.85 -23.16
C LEU D 57 0.23 -26.88 -22.09
N ILE D 58 -0.60 -26.57 -21.12
CA ILE D 58 -0.09 -25.88 -19.96
C ILE D 58 1.12 -26.65 -19.37
N LEU D 59 0.90 -27.90 -18.98
CA LEU D 59 1.97 -28.62 -18.30
C LEU D 59 3.23 -28.76 -19.17
N LEU D 60 3.02 -29.02 -20.45
CA LEU D 60 4.16 -29.16 -21.30
C LEU D 60 4.93 -27.84 -21.27
N ALA D 61 4.20 -26.73 -21.46
CA ALA D 61 4.84 -25.40 -21.53
C ALA D 61 5.50 -25.00 -20.20
N LEU D 62 4.75 -25.17 -19.11
CA LEU D 62 5.34 -25.00 -17.77
C LEU D 62 6.62 -25.77 -17.61
N LEU D 63 6.60 -27.01 -18.11
CA LEU D 63 7.72 -27.93 -17.98
C LEU D 63 8.89 -27.49 -18.87
N LEU D 64 8.63 -27.31 -20.15
CA LEU D 64 9.71 -26.88 -21.03
C LEU D 64 10.41 -25.63 -20.47
N GLY D 65 9.63 -24.65 -20.02
CA GLY D 65 10.17 -23.35 -19.69
C GLY D 65 10.87 -23.34 -18.35
N SER D 66 10.25 -23.91 -17.33
CA SER D 66 10.91 -23.91 -16.04
C SER D 66 12.22 -24.71 -16.17
N VAL D 67 12.09 -25.97 -16.58
CA VAL D 67 13.26 -26.88 -16.63
C VAL D 67 14.45 -26.33 -17.44
N VAL D 68 14.20 -25.90 -18.68
CA VAL D 68 15.34 -25.38 -19.47
C VAL D 68 15.94 -24.17 -18.77
N ALA D 69 15.07 -23.28 -18.29
CA ALA D 69 15.50 -22.08 -17.57
C ALA D 69 16.22 -22.44 -16.27
N TRP D 70 15.62 -23.31 -15.47
CA TRP D 70 16.31 -23.78 -14.29
C TRP D 70 17.73 -24.35 -14.58
N TRP D 71 17.82 -25.32 -15.50
CA TRP D 71 19.11 -25.90 -15.90
C TRP D 71 20.12 -24.82 -16.31
N ALA D 72 19.74 -23.98 -17.27
CA ALA D 72 20.56 -22.87 -17.74
C ALA D 72 21.20 -22.10 -16.59
N ALA D 73 20.41 -21.88 -15.56
CA ALA D 73 20.80 -21.11 -14.38
C ALA D 73 21.89 -21.82 -13.62
N VAL D 74 21.65 -23.08 -13.29
CA VAL D 74 22.62 -23.84 -12.51
C VAL D 74 23.98 -24.01 -13.20
N ARG D 75 23.99 -24.12 -14.53
CA ARG D 75 25.21 -24.53 -15.22
C ARG D 75 26.10 -23.39 -15.66
N VAL D 76 25.60 -22.17 -15.57
CA VAL D 76 26.32 -21.00 -16.08
C VAL D 76 27.37 -20.39 -15.12
N ALA D 77 28.42 -19.75 -15.65
CA ALA D 77 29.45 -19.17 -14.77
C ALA D 77 28.91 -17.96 -14.01
N MET D 78 29.33 -17.78 -12.76
CA MET D 78 28.84 -16.66 -11.97
C MET D 78 29.22 -15.33 -12.59
N THR D 79 30.42 -15.26 -13.16
CA THR D 79 30.88 -14.05 -13.82
C THR D 79 29.99 -13.64 -15.01
N ASP D 80 28.98 -14.47 -15.29
CA ASP D 80 28.15 -14.36 -16.49
C ASP D 80 26.68 -14.25 -16.10
N MET D 81 26.46 -13.91 -14.84
CA MET D 81 25.09 -13.85 -14.27
C MET D 81 24.23 -12.69 -14.80
N PRO D 82 24.80 -11.47 -14.93
CA PRO D 82 24.10 -10.34 -15.54
C PRO D 82 23.24 -10.70 -16.75
N GLN D 83 23.84 -11.35 -17.75
CA GLN D 83 23.08 -11.65 -18.97
C GLN D 83 21.95 -12.66 -18.71
N MET D 84 22.14 -13.52 -17.73
CA MET D 84 21.12 -14.50 -17.35
C MET D 84 19.85 -13.81 -16.86
N VAL D 85 20.04 -12.80 -16.01
CA VAL D 85 18.96 -11.95 -15.52
C VAL D 85 18.26 -11.31 -16.74
N ALA D 86 19.05 -10.61 -17.54
CA ALA D 86 18.57 -10.01 -18.77
C ALA D 86 17.64 -10.91 -19.60
N ILE D 87 18.07 -12.14 -19.86
CA ILE D 87 17.23 -13.02 -20.68
C ILE D 87 15.93 -13.44 -19.92
N TYR D 88 16.03 -13.75 -18.64
CA TYR D 88 14.87 -14.18 -17.89
C TYR D 88 13.86 -13.05 -17.83
N ASN D 89 14.42 -11.84 -17.74
CA ASN D 89 13.64 -10.63 -17.80
C ASN D 89 13.00 -10.47 -19.15
N GLY D 90 13.84 -10.56 -20.19
CA GLY D 90 13.37 -10.64 -21.55
C GLY D 90 12.13 -11.52 -21.57
N MET D 91 12.29 -12.81 -21.25
CA MET D 91 11.20 -13.76 -21.35
C MET D 91 9.99 -13.18 -20.65
N GLY D 92 10.24 -12.58 -19.47
CA GLY D 92 9.18 -12.03 -18.62
C GLY D 92 8.38 -11.02 -19.41
N GLY D 93 9.09 -10.09 -20.06
CA GLY D 93 8.50 -9.13 -21.00
C GLY D 93 7.60 -9.78 -22.04
N GLY D 94 8.20 -10.62 -22.87
CA GLY D 94 7.44 -11.34 -23.88
C GLY D 94 6.20 -12.02 -23.33
N ALA D 95 6.34 -12.61 -22.14
CA ALA D 95 5.20 -13.30 -21.51
C ALA D 95 4.01 -12.33 -21.38
N ALA D 96 4.29 -11.18 -20.75
CA ALA D 96 3.38 -10.04 -20.72
C ALA D 96 2.80 -9.75 -22.09
N ALA D 97 3.69 -9.61 -23.08
CA ALA D 97 3.26 -9.28 -24.45
C ALA D 97 2.25 -10.30 -24.94
N THR D 98 2.51 -11.58 -24.70
CA THR D 98 1.61 -12.58 -25.26
C THR D 98 0.22 -12.45 -24.65
N ILE D 99 0.16 -12.09 -23.36
CA ILE D 99 -1.12 -11.95 -22.71
C ILE D 99 -2.00 -10.94 -23.46
N ALA D 100 -1.38 -9.81 -23.75
CA ALA D 100 -1.96 -8.74 -24.52
C ALA D 100 -2.38 -9.18 -25.94
N ALA D 101 -1.42 -9.72 -26.67
CA ALA D 101 -1.67 -10.24 -28.01
C ALA D 101 -2.94 -11.12 -28.06
N VAL D 102 -3.03 -12.15 -27.20
CA VAL D 102 -4.19 -13.08 -27.19
C VAL D 102 -5.53 -12.41 -26.80
N GLU D 103 -5.52 -11.65 -25.70
CA GLU D 103 -6.74 -10.99 -25.28
C GLU D 103 -7.24 -10.01 -26.39
N LEU D 104 -6.32 -9.49 -27.18
CA LEU D 104 -6.71 -8.64 -28.31
C LEU D 104 -7.41 -9.41 -29.46
N LEU D 105 -6.77 -10.48 -29.94
CA LEU D 105 -7.34 -11.32 -31.00
C LEU D 105 -8.77 -11.76 -30.70
N LYS D 106 -9.07 -11.97 -29.41
CA LYS D 106 -10.43 -12.27 -28.98
C LYS D 106 -11.39 -11.14 -29.32
N GLY D 107 -10.92 -9.91 -29.19
CA GLY D 107 -11.80 -8.74 -29.09
C GLY D 107 -12.48 -8.78 -27.73
N ALA D 108 -11.86 -9.52 -26.78
CA ALA D 108 -12.35 -9.75 -25.41
C ALA D 108 -12.91 -8.52 -24.67
N PHE D 109 -12.29 -7.35 -24.93
CA PHE D 109 -12.58 -6.12 -24.20
C PHE D 109 -13.83 -5.39 -24.60
N GLU D 110 -14.70 -5.19 -23.60
CA GLU D 110 -15.87 -4.30 -23.69
C GLU D 110 -15.65 -3.00 -22.87
N ASN D 111 -14.48 -2.86 -22.25
CA ASN D 111 -14.08 -1.64 -21.60
C ASN D 111 -12.83 -1.08 -22.28
N THR D 112 -12.93 0.15 -22.79
CA THR D 112 -11.79 0.87 -23.41
C THR D 112 -10.60 1.13 -22.51
N GLY D 113 -10.83 1.47 -21.22
CA GLY D 113 -9.73 1.69 -20.28
C GLY D 113 -8.92 0.42 -20.04
N LEU D 114 -9.62 -0.68 -19.80
CA LEU D 114 -8.98 -1.98 -19.69
C LEU D 114 -8.15 -2.28 -20.93
N MET D 115 -8.81 -2.13 -22.09
CA MET D 115 -8.17 -2.32 -23.40
C MET D 115 -6.83 -1.57 -23.50
N ALA D 116 -6.82 -0.29 -23.13
CA ALA D 116 -5.56 0.51 -23.19
C ALA D 116 -4.50 0.02 -22.23
N LEU D 117 -4.92 -0.48 -21.07
CA LEU D 117 -3.94 -1.07 -20.17
C LEU D 117 -3.27 -2.24 -20.90
N ALA D 118 -4.11 -3.11 -21.47
CA ALA D 118 -3.63 -4.24 -22.26
C ALA D 118 -2.57 -3.78 -23.20
N ILE D 119 -2.96 -2.89 -24.11
CA ILE D 119 -2.04 -2.36 -25.10
C ILE D 119 -0.75 -1.82 -24.46
N LEU D 120 -0.89 -0.91 -23.49
CA LEU D 120 0.24 -0.32 -22.78
C LEU D 120 1.21 -1.41 -22.28
N GLY D 121 0.67 -2.44 -21.65
CA GLY D 121 1.50 -3.58 -21.24
C GLY D 121 2.24 -4.22 -22.40
N GLY D 122 1.51 -4.49 -23.50
CA GLY D 122 2.09 -5.06 -24.71
C GLY D 122 3.25 -4.20 -25.21
N LEU D 123 2.98 -2.91 -25.34
CA LEU D 123 4.01 -2.00 -25.78
C LEU D 123 5.25 -2.18 -24.90
N ILE D 124 5.07 -2.10 -23.58
CA ILE D 124 6.20 -2.20 -22.64
C ILE D 124 6.85 -3.61 -22.63
N GLY D 125 6.04 -4.67 -22.58
CA GLY D 125 6.57 -6.04 -22.54
C GLY D 125 7.47 -6.39 -23.72
N SER D 126 6.96 -6.10 -24.91
CA SER D 126 7.66 -6.30 -26.18
C SER D 126 8.98 -5.55 -26.15
N VAL D 127 8.90 -4.28 -25.77
CA VAL D 127 10.11 -3.47 -25.75
C VAL D 127 11.10 -4.08 -24.79
N ALA D 128 10.64 -4.38 -23.58
CA ALA D 128 11.48 -5.08 -22.61
C ALA D 128 12.00 -6.41 -23.15
N PHE D 129 11.12 -7.19 -23.77
CA PHE D 129 11.48 -8.51 -24.27
C PHE D 129 12.69 -8.36 -25.18
N THR D 130 12.40 -7.67 -26.27
CA THR D 130 13.30 -7.45 -27.34
C THR D 130 14.53 -6.69 -26.86
N GLY D 131 14.32 -5.63 -26.07
CA GLY D 131 15.43 -4.90 -25.47
C GLY D 131 16.33 -5.79 -24.65
N SER D 132 15.73 -6.71 -23.91
CA SER D 132 16.47 -7.52 -22.96
C SER D 132 17.28 -8.54 -23.72
N LEU D 133 16.71 -9.03 -24.82
CA LEU D 133 17.44 -9.91 -25.74
C LEU D 133 18.68 -9.20 -26.28
N ILE D 134 18.55 -7.92 -26.64
CA ILE D 134 19.68 -7.18 -27.22
C ILE D 134 20.79 -6.94 -26.21
N ALA D 135 20.44 -6.87 -24.93
CA ALA D 135 21.45 -6.74 -23.87
C ALA D 135 22.29 -8.00 -23.80
N PHE D 136 21.60 -9.13 -23.88
CA PHE D 136 22.24 -10.44 -23.80
C PHE D 136 23.38 -10.60 -24.83
N ALA D 137 23.06 -10.51 -26.13
CA ALA D 137 24.05 -10.62 -27.22
C ALA D 137 25.33 -9.97 -26.79
N LYS D 138 25.21 -8.71 -26.38
CA LYS D 138 26.34 -7.88 -26.04
C LYS D 138 27.21 -8.44 -24.91
N LEU D 139 26.62 -8.68 -23.74
CA LEU D 139 27.46 -9.12 -22.61
C LEU D 139 28.16 -10.38 -23.01
N GLN D 140 27.40 -11.24 -23.69
CA GLN D 140 27.84 -12.57 -24.15
C GLN D 140 28.97 -12.55 -25.19
N GLY D 141 29.10 -11.44 -25.91
CA GLY D 141 30.04 -11.32 -27.00
C GLY D 141 29.45 -11.83 -28.30
N ILE D 142 28.59 -12.85 -28.19
CA ILE D 142 28.23 -13.64 -29.35
C ILE D 142 27.65 -12.81 -30.51
N MET D 143 27.09 -11.64 -30.21
CA MET D 143 27.15 -10.50 -31.16
C MET D 143 27.36 -9.16 -30.39
N LYS D 144 28.44 -9.12 -29.61
CA LYS D 144 28.85 -8.05 -28.66
C LYS D 144 28.97 -6.65 -29.25
N SER D 145 29.18 -5.67 -28.36
CA SER D 145 29.78 -4.36 -28.69
C SER D 145 29.55 -3.25 -27.67
N ARG D 146 30.26 -2.15 -27.90
CA ARG D 146 29.86 -0.86 -27.33
C ARG D 146 28.75 -0.24 -28.23
N PRO D 147 28.44 1.05 -28.04
CA PRO D 147 27.33 1.76 -28.74
C PRO D 147 27.36 1.76 -30.28
N ILE D 148 26.26 1.42 -30.96
CA ILE D 148 26.30 1.39 -32.45
C ILE D 148 26.14 2.75 -33.12
N LEU D 149 25.20 3.55 -32.64
CA LEU D 149 25.18 5.00 -32.92
C LEU D 149 25.08 5.54 -34.39
N PHE D 150 24.37 4.87 -35.30
CA PHE D 150 24.17 5.42 -36.67
C PHE D 150 23.64 6.89 -36.72
N PRO D 151 23.87 7.60 -37.85
CA PRO D 151 23.46 9.03 -38.06
C PRO D 151 21.97 9.38 -37.82
N GLY D 152 21.72 10.35 -36.93
CA GLY D 152 20.37 10.86 -36.66
C GLY D 152 19.38 9.91 -35.97
N GLN D 153 19.90 8.82 -35.43
CA GLN D 153 19.03 7.81 -34.83
C GLN D 153 18.10 8.31 -33.72
N LYS D 154 18.55 9.30 -32.93
CA LYS D 154 17.72 9.82 -31.83
C LYS D 154 16.30 10.14 -32.28
N ALA D 155 16.18 10.79 -33.43
CA ALA D 155 14.89 11.07 -34.03
C ALA D 155 14.22 9.82 -34.65
N VAL D 156 14.97 8.99 -35.37
CA VAL D 156 14.38 7.77 -35.99
C VAL D 156 13.75 6.86 -34.94
N ASN D 157 14.53 6.60 -33.88
CA ASN D 157 14.04 5.95 -32.68
C ASN D 157 12.68 6.52 -32.25
N ALA D 158 12.68 7.75 -31.74
CA ALA D 158 11.44 8.39 -31.25
C ALA D 158 10.28 8.26 -32.25
N LEU D 159 10.62 8.39 -33.53
CA LEU D 159 9.67 8.30 -34.60
C LEU D 159 8.97 6.95 -34.57
N VAL D 160 9.76 5.88 -34.58
CA VAL D 160 9.20 4.53 -34.44
C VAL D 160 8.27 4.48 -33.23
N LEU D 161 8.77 4.93 -32.08
CA LEU D 161 8.04 4.86 -30.81
C LEU D 161 6.67 5.50 -30.94
N ALA D 162 6.67 6.80 -31.23
CA ALA D 162 5.47 7.55 -31.54
C ALA D 162 4.53 6.79 -32.50
N LEU D 163 5.09 6.34 -33.63
CA LEU D 163 4.39 5.48 -34.59
C LEU D 163 3.70 4.28 -33.97
N THR D 164 4.46 3.51 -33.19
CA THR D 164 3.89 2.35 -32.53
C THR D 164 2.82 2.80 -31.56
N VAL D 165 3.09 3.88 -30.84
CA VAL D 165 2.07 4.50 -29.99
C VAL D 165 0.83 4.86 -30.81
N VAL D 166 1.05 5.36 -32.02
CA VAL D 166 -0.06 5.62 -32.95
C VAL D 166 -0.75 4.32 -33.34
N ILE D 167 0.00 3.33 -33.78
CA ILE D 167 -0.69 2.13 -34.20
C ILE D 167 -1.41 1.59 -32.99
N GLY D 168 -0.73 1.56 -31.84
CA GLY D 168 -1.31 1.04 -30.62
C GLY D 168 -2.68 1.66 -30.36
N LEU D 169 -2.68 2.97 -30.22
CA LEU D 169 -3.90 3.69 -29.91
C LEU D 169 -5.04 3.32 -30.85
N SER D 170 -4.75 2.95 -32.09
CA SER D 170 -5.81 2.74 -33.07
C SER D 170 -6.66 1.55 -32.68
N LEU D 171 -5.99 0.49 -32.23
CA LEU D 171 -6.70 -0.72 -31.82
C LEU D 171 -7.96 -0.40 -31.01
N LEU D 172 -7.90 0.69 -30.25
CA LEU D 172 -9.01 1.15 -29.41
C LEU D 172 -10.28 1.51 -30.17
N TRP D 173 -10.16 1.81 -31.47
CA TRP D 173 -11.34 2.10 -32.29
C TRP D 173 -11.46 1.09 -33.42
N ASN D 174 -10.34 0.48 -33.82
CA ASN D 174 -10.36 -0.62 -34.80
C ASN D 174 -9.26 -1.64 -34.53
N ASP D 175 -9.66 -2.82 -34.07
CA ASP D 175 -8.70 -3.82 -33.63
C ASP D 175 -8.41 -4.89 -34.69
N ALA D 176 -8.24 -4.45 -35.93
CA ALA D 176 -7.99 -5.38 -37.03
C ALA D 176 -6.68 -6.12 -36.85
N THR D 177 -6.70 -7.40 -37.17
CA THR D 177 -5.52 -8.25 -37.07
C THR D 177 -4.22 -7.66 -37.60
N ALA D 178 -4.29 -6.89 -38.69
CA ALA D 178 -3.08 -6.29 -39.30
C ALA D 178 -2.46 -5.24 -38.37
N SER D 179 -3.30 -4.36 -37.83
CA SER D 179 -2.88 -3.34 -36.86
C SER D 179 -2.17 -4.05 -35.71
N ILE D 180 -2.85 -5.06 -35.18
CA ILE D 180 -2.33 -5.87 -34.08
C ILE D 180 -0.89 -6.33 -34.36
N VAL D 181 -0.70 -7.02 -35.48
CA VAL D 181 0.63 -7.39 -35.94
C VAL D 181 1.64 -6.23 -35.97
N LEU D 182 1.25 -5.16 -36.70
CA LEU D 182 2.10 -3.98 -36.90
C LEU D 182 2.64 -3.46 -35.56
N PHE D 183 1.68 -3.26 -34.66
CA PHE D 183 1.96 -2.76 -33.32
C PHE D 183 3.11 -3.50 -32.64
N PHE D 184 3.02 -4.82 -32.63
CA PHE D 184 4.04 -5.63 -31.99
C PHE D 184 5.36 -5.61 -32.72
N LEU D 185 5.29 -5.68 -34.06
CA LEU D 185 6.49 -5.53 -34.86
C LEU D 185 7.11 -4.18 -34.56
N LEU D 186 6.27 -3.17 -34.39
CA LEU D 186 6.75 -1.82 -34.14
C LEU D 186 7.29 -1.63 -32.75
N ALA D 187 6.63 -2.24 -31.78
CA ALA D 187 7.14 -2.29 -30.42
C ALA D 187 8.44 -3.10 -30.37
N LEU D 188 8.40 -4.28 -30.98
CA LEU D 188 9.53 -5.19 -30.93
C LEU D 188 10.73 -4.54 -31.59
N LEU D 189 10.46 -3.89 -32.71
CA LEU D 189 11.47 -3.15 -33.42
C LEU D 189 12.04 -2.06 -32.52
N PHE D 190 11.15 -1.36 -31.82
CA PHE D 190 11.59 -0.27 -30.95
C PHE D 190 12.42 -0.72 -29.76
N GLY D 191 12.10 -1.89 -29.22
CA GLY D 191 12.87 -2.46 -28.13
C GLY D 191 14.31 -2.61 -28.58
N VAL D 192 14.48 -3.22 -29.75
CA VAL D 192 15.80 -3.33 -30.39
C VAL D 192 16.49 -1.97 -30.56
N LEU D 193 15.78 -1.07 -31.23
CA LEU D 193 16.40 0.13 -31.65
C LEU D 193 16.89 0.96 -30.46
N MET D 194 16.01 1.10 -29.48
CA MET D 194 16.27 1.92 -28.31
C MET D 194 17.52 1.48 -27.56
N THR D 195 17.94 0.23 -27.76
CA THR D 195 19.07 -0.31 -27.02
C THR D 195 20.41 -0.31 -27.76
N LEU D 196 20.39 -0.39 -29.08
CA LEU D 196 21.61 -0.16 -29.89
C LEU D 196 22.56 0.91 -29.36
N PRO D 197 22.01 2.09 -29.04
CA PRO D 197 22.97 3.09 -28.55
C PRO D 197 23.68 2.77 -27.22
N ILE D 198 23.28 1.69 -26.53
CA ILE D 198 23.71 1.47 -25.12
C ILE D 198 25.02 0.71 -25.03
N GLY D 199 26.04 1.32 -24.43
CA GLY D 199 27.34 0.67 -24.24
C GLY D 199 27.33 -0.40 -23.16
N GLY D 200 28.38 -1.22 -23.15
CA GLY D 200 28.44 -2.40 -22.31
C GLY D 200 28.69 -2.12 -20.84
N GLY D 201 29.43 -1.05 -20.57
CA GLY D 201 29.75 -0.67 -19.20
C GLY D 201 28.49 -0.33 -18.44
N ASP D 202 27.54 0.25 -19.17
CA ASP D 202 26.28 0.71 -18.62
C ASP D 202 25.26 -0.40 -18.47
N MET D 203 25.61 -1.57 -18.97
CA MET D 203 24.63 -2.65 -19.13
C MET D 203 23.82 -3.02 -17.88
N PRO D 204 24.49 -3.21 -16.71
CA PRO D 204 23.70 -3.33 -15.50
C PRO D 204 22.55 -2.29 -15.47
N VAL D 205 22.88 -0.99 -15.45
CA VAL D 205 21.85 0.03 -15.35
C VAL D 205 20.68 -0.25 -16.31
N ALA D 206 21.00 -0.40 -17.58
CA ALA D 206 19.99 -0.72 -18.62
C ALA D 206 19.10 -1.87 -18.20
N ILE D 207 19.73 -2.92 -17.67
CA ILE D 207 18.98 -4.12 -17.29
C ILE D 207 17.92 -3.82 -16.22
N SER D 208 18.31 -3.06 -15.18
CA SER D 208 17.40 -2.54 -14.15
C SER D 208 16.16 -1.88 -14.76
N PHE D 209 16.43 -0.93 -15.64
CA PHE D 209 15.43 -0.22 -16.43
C PHE D 209 14.43 -1.17 -17.13
N TYR D 210 14.93 -2.13 -17.90
CA TYR D 210 14.03 -3.08 -18.57
C TYR D 210 13.30 -4.03 -17.60
N ASN D 211 13.92 -4.30 -16.44
CA ASN D 211 13.27 -4.98 -15.29
C ASN D 211 12.04 -4.19 -14.85
N ALA D 212 12.26 -2.95 -14.38
CA ALA D 212 11.18 -1.99 -14.10
C ALA D 212 10.06 -2.08 -15.15
N PHE D 213 10.42 -1.87 -16.41
CA PHE D 213 9.46 -2.06 -17.52
C PHE D 213 8.62 -3.33 -17.44
N THR D 214 9.29 -4.48 -17.41
CA THR D 214 8.59 -5.76 -17.33
C THR D 214 7.59 -5.77 -16.18
N GLY D 215 8.02 -5.32 -14.99
CA GLY D 215 7.15 -5.18 -13.83
C GLY D 215 5.89 -4.40 -14.17
N MET D 216 6.07 -3.16 -14.59
CA MET D 216 4.96 -2.37 -15.05
C MET D 216 4.14 -3.18 -16.08
N ALA D 217 4.83 -3.75 -17.07
CA ALA D 217 4.16 -4.53 -18.09
C ALA D 217 3.20 -5.56 -17.45
N VAL D 218 3.76 -6.35 -16.53
CA VAL D 218 3.00 -7.35 -15.79
C VAL D 218 1.79 -6.79 -14.99
N GLY D 219 1.98 -5.67 -14.29
CA GLY D 219 0.86 -5.05 -13.58
C GLY D 219 -0.23 -4.50 -14.50
N PHE D 220 0.17 -3.85 -15.60
CA PHE D 220 -0.83 -3.43 -16.57
C PHE D 220 -1.72 -4.58 -17.03
N GLU D 221 -1.11 -5.60 -17.60
CA GLU D 221 -1.82 -6.84 -17.93
C GLU D 221 -2.71 -7.27 -16.79
N GLY D 222 -2.11 -7.36 -15.59
CA GLY D 222 -2.86 -7.56 -14.35
C GLY D 222 -4.16 -6.79 -14.21
N PHE D 223 -4.09 -5.46 -14.18
CA PHE D 223 -5.31 -4.66 -14.02
C PHE D 223 -6.21 -4.92 -15.19
N ALA D 224 -5.58 -5.22 -16.32
CA ALA D 224 -6.26 -5.26 -17.59
C ALA D 224 -7.20 -6.46 -17.65
N VAL D 225 -6.74 -7.61 -17.14
CA VAL D 225 -7.49 -8.88 -17.23
C VAL D 225 -8.21 -9.24 -15.92
N GLY D 226 -7.85 -8.57 -14.82
CA GLY D 226 -8.52 -8.76 -13.53
C GLY D 226 -7.85 -9.81 -12.65
N ASN D 227 -6.53 -9.81 -12.61
CA ASN D 227 -5.75 -10.81 -11.89
C ASN D 227 -4.85 -10.17 -10.84
N PRO D 228 -5.28 -10.26 -9.56
CA PRO D 228 -4.64 -9.59 -8.43
C PRO D 228 -3.16 -9.94 -8.27
N ALA D 229 -2.76 -11.14 -8.67
CA ALA D 229 -1.34 -11.50 -8.58
C ALA D 229 -0.43 -10.71 -9.52
N LEU D 230 -0.96 -10.36 -10.68
CA LEU D 230 -0.16 -9.60 -11.62
C LEU D 230 -0.25 -8.15 -11.22
N MET D 231 -1.47 -7.68 -10.96
CA MET D 231 -1.70 -6.32 -10.46
C MET D 231 -0.69 -5.98 -9.37
N VAL D 232 -0.62 -6.77 -8.29
CA VAL D 232 0.26 -6.37 -7.17
C VAL D 232 1.76 -6.55 -7.46
N ALA D 233 2.15 -7.76 -7.86
CA ALA D 233 3.55 -8.06 -8.10
C ALA D 233 4.17 -7.23 -9.22
N GLY D 234 3.43 -7.11 -10.33
CA GLY D 234 3.77 -6.20 -11.39
C GLY D 234 4.15 -4.83 -10.86
N THR D 235 3.17 -4.14 -10.29
CA THR D 235 3.42 -2.76 -9.88
C THR D 235 4.38 -2.64 -8.70
N LEU D 236 4.43 -3.69 -7.88
CA LEU D 236 5.39 -3.70 -6.79
C LEU D 236 6.80 -3.68 -7.37
N VAL D 237 6.99 -4.50 -8.39
CA VAL D 237 8.31 -4.67 -8.98
C VAL D 237 8.68 -3.50 -9.84
N GLY D 238 7.67 -2.95 -10.52
CA GLY D 238 7.84 -1.74 -11.33
C GLY D 238 8.35 -0.57 -10.53
N ALA D 239 7.68 -0.26 -9.42
CA ALA D 239 8.10 0.84 -8.56
C ALA D 239 9.53 0.61 -8.07
N ALA D 240 9.76 -0.52 -7.39
CA ALA D 240 11.11 -0.85 -6.88
C ALA D 240 12.18 -0.76 -7.93
N GLY D 241 11.96 -1.45 -9.05
CA GLY D 241 12.89 -1.46 -10.16
C GLY D 241 13.22 -0.07 -10.66
N THR D 242 12.19 0.77 -10.77
CA THR D 242 12.40 2.19 -11.04
C THR D 242 13.45 2.79 -10.08
N LEU D 243 13.23 2.70 -8.76
CA LEU D 243 14.17 3.33 -7.81
C LEU D 243 15.55 2.69 -7.93
N LEU D 244 15.55 1.36 -7.96
CA LEU D 244 16.78 0.60 -8.12
C LEU D 244 17.57 1.02 -9.36
N THR D 245 16.87 1.34 -10.46
CA THR D 245 17.57 1.79 -11.64
C THR D 245 18.23 3.12 -11.30
N VAL D 246 17.47 4.02 -10.68
CA VAL D 246 18.02 5.30 -10.34
C VAL D 246 19.21 5.07 -9.42
N LEU D 247 19.11 4.09 -8.53
CA LEU D 247 20.13 3.92 -7.51
C LEU D 247 21.43 3.50 -8.13
N MET D 248 21.33 2.48 -8.98
CA MET D 248 22.47 1.88 -9.63
C MET D 248 23.10 2.88 -10.56
N ALA D 249 22.24 3.68 -11.19
CA ALA D 249 22.71 4.73 -12.05
C ALA D 249 23.63 5.59 -11.21
N ARG D 250 23.10 6.12 -10.10
CA ARG D 250 23.87 7.05 -9.30
C ARG D 250 24.96 6.38 -8.45
N ALA D 251 25.06 5.06 -8.55
CA ALA D 251 26.12 4.32 -7.88
C ALA D 251 27.34 4.14 -8.78
N MET D 252 27.11 3.73 -10.04
CA MET D 252 28.07 4.01 -11.11
C MET D 252 28.01 5.52 -11.18
N ASN D 253 29.05 6.16 -11.68
CA ASN D 253 29.15 7.62 -11.61
C ASN D 253 27.93 8.31 -12.26
N ARG D 254 27.22 7.50 -13.05
CA ARG D 254 26.38 7.91 -14.17
C ARG D 254 24.95 8.32 -13.83
N SER D 255 24.24 8.84 -14.82
CA SER D 255 22.80 9.07 -14.68
C SER D 255 22.02 8.09 -15.56
N VAL D 256 20.69 8.18 -15.50
CA VAL D 256 19.82 7.28 -16.28
C VAL D 256 19.73 7.74 -17.75
N TRP D 257 19.58 9.05 -17.94
CA TRP D 257 19.82 9.72 -19.24
C TRP D 257 21.18 9.37 -19.88
N ILE D 258 22.28 9.62 -19.19
CA ILE D 258 23.64 9.39 -19.77
C ILE D 258 23.88 7.92 -20.18
N SER D 259 22.90 7.06 -19.91
CA SER D 259 22.96 5.67 -20.36
C SER D 259 21.97 5.42 -21.50
N VAL D 260 20.72 5.81 -21.27
CA VAL D 260 19.61 5.57 -22.19
C VAL D 260 19.79 6.39 -23.47
HG HG E . 1.55 -3.82 8.58
HG HG F . 5.27 5.08 -6.52
#